data_2JDQ
#
_entry.id   2JDQ
#
_cell.length_a   94.970
_cell.length_b   100.550
_cell.length_c   151.840
_cell.angle_alpha   90.00
_cell.angle_beta   90.00
_cell.angle_gamma   90.00
#
_symmetry.space_group_name_H-M   'P 21 21 21'
#
loop_
_entity.id
_entity.type
_entity.pdbx_description
1 polymer 'IMPORTIN ALPHA-1 SUBUNIT'
2 polymer 'POLYMERASE BASIC PROTEIN 2'
3 water water
#
loop_
_entity_poly.entity_id
_entity_poly.type
_entity_poly.pdbx_seq_one_letter_code
_entity_poly.pdbx_strand_id
1 'polypeptide(L)'
;GAMGFHEAQINNMEMAPGGVITSDMIEMIFSKSPEQQLSATQKFRKLLSKEPNPPIDEVISTPGVVARFVEFLKRKENCT
LQFESAWVLTNIASGNSLQTRIVIQAGAVPIFIELLSSEFEDVQEQAVWALGNIAGDSTMCRDYVLDCNILPPLLQLFSK
QNRLTMTRNAVWALSNLCRGKSPPPEFAKVSPCLNVLSWLLFVSDTDVLADACWALSYLSDGPNDKIQAVIDAGVCRRLV
ELLMHNDYKVVSPALRAVGNIVTGDDIQTQVILNCSALQSLLHLLSSPKESIKKEACWTISNITAGNRAQIQTVIDANIF
PALISILQTAEFRTRKEAAWAITNATSGGSAEQIKYLVELGCIKPLCDLLTVMDSKIVQVALNGLENILRLGEQEAKRNG
TGINPYCALIEEAYGLDKIEFLQSHENQEIYQKAFDLIEHYFGTEDEDSS
;
A,B
2 'polypeptide(L)'
;GDPDESTSGVESAVLRGFLILGKEDRRYGPALSINELSNLAKGEKANVLIGQGDVVLVMKRKRDSSILTDSQTATKRIRM
AIN
;
D,E
#
# COMPACT_ATOMS: atom_id res chain seq x y z
N THR A 22 34.37 23.47 -31.06
CA THR A 22 34.12 24.55 -32.05
C THR A 22 33.75 25.85 -31.34
N SER A 23 34.08 26.97 -31.96
CA SER A 23 33.75 28.30 -31.44
C SER A 23 32.33 28.73 -31.82
N ASP A 24 31.75 28.09 -32.83
CA ASP A 24 30.33 28.27 -33.16
C ASP A 24 29.44 27.48 -32.20
N MET A 25 29.94 26.35 -31.71
CA MET A 25 29.26 25.60 -30.63
C MET A 25 29.14 26.47 -29.38
N ILE A 26 30.27 27.07 -28.98
CA ILE A 26 30.32 27.96 -27.82
C ILE A 26 29.49 29.23 -28.04
N GLU A 27 29.56 29.81 -29.23
CA GLU A 27 28.76 31.00 -29.57
C GLU A 27 27.27 30.72 -29.50
N MET A 28 26.82 29.72 -30.27
CA MET A 28 25.39 29.38 -30.32
C MET A 28 24.84 28.95 -28.96
N ILE A 29 25.64 28.27 -28.15
CA ILE A 29 25.22 27.85 -26.79
C ILE A 29 24.86 29.05 -25.92
N PHE A 30 25.74 30.06 -25.88
CA PHE A 30 25.54 31.23 -25.03
C PHE A 30 24.73 32.33 -25.71
N SER A 31 24.36 32.13 -26.97
CA SER A 31 23.48 33.07 -27.68
C SER A 31 22.08 33.03 -27.08
N LYS A 32 21.18 33.86 -27.59
CA LYS A 32 19.83 33.98 -27.02
C LYS A 32 18.72 33.56 -27.99
N SER A 33 19.03 32.64 -28.91
CA SER A 33 18.03 32.09 -29.82
C SER A 33 17.84 30.60 -29.52
N PRO A 34 16.59 30.17 -29.21
CA PRO A 34 16.22 28.75 -29.01
C PRO A 34 16.59 27.76 -30.12
N GLU A 35 16.65 28.24 -31.36
CA GLU A 35 16.99 27.40 -32.52
C GLU A 35 18.45 26.97 -32.40
N GLN A 36 19.32 27.97 -32.20
CA GLN A 36 20.76 27.76 -32.13
C GLN A 36 21.15 27.09 -30.83
N GLN A 37 20.45 27.42 -29.76
CA GLN A 37 20.64 26.74 -28.48
C GLN A 37 20.47 25.23 -28.67
N LEU A 38 19.32 24.82 -29.22
CA LEU A 38 19.06 23.40 -29.49
C LEU A 38 20.15 22.80 -30.39
N SER A 39 20.40 23.46 -31.52
CA SER A 39 21.36 22.98 -32.52
C SER A 39 22.75 22.70 -31.93
N ALA A 40 23.25 23.63 -31.11
CA ALA A 40 24.55 23.47 -30.46
C ALA A 40 24.54 22.30 -29.48
N THR A 41 23.56 22.30 -28.58
CA THR A 41 23.41 21.23 -27.59
C THR A 41 23.32 19.85 -28.27
N GLN A 42 22.67 19.78 -29.43
CA GLN A 42 22.55 18.52 -30.16
C GLN A 42 23.92 18.01 -30.63
N LYS A 43 24.80 18.92 -31.03
CA LYS A 43 26.17 18.56 -31.41
C LYS A 43 27.00 18.16 -30.19
N PHE A 44 26.73 18.79 -29.05
CA PHE A 44 27.36 18.41 -27.78
C PHE A 44 27.02 16.96 -27.36
N ARG A 45 25.76 16.57 -27.54
CA ARG A 45 25.31 15.20 -27.23
C ARG A 45 25.99 14.17 -28.11
N LYS A 46 26.03 14.46 -29.41
CA LYS A 46 26.52 13.52 -30.41
C LYS A 46 27.99 13.18 -30.21
N LEU A 47 28.75 14.13 -29.67
CA LEU A 47 30.15 13.91 -29.30
C LEU A 47 30.27 13.00 -28.07
N LEU A 48 29.35 13.16 -27.12
CA LEU A 48 29.31 12.31 -25.92
C LEU A 48 28.47 11.03 -26.13
N SER A 49 27.88 10.88 -27.32
CA SER A 49 27.16 9.66 -27.69
C SER A 49 27.98 8.71 -28.57
N LYS A 50 28.91 9.25 -29.37
CA LYS A 50 29.85 8.43 -30.16
C LYS A 50 30.58 7.47 -29.23
N GLU A 51 30.64 6.20 -29.62
CA GLU A 51 30.78 5.10 -28.65
C GLU A 51 32.11 4.89 -27.91
N PRO A 52 33.25 5.33 -28.50
CA PRO A 52 34.53 5.06 -27.82
C PRO A 52 34.85 6.07 -26.70
N ASN A 53 34.48 5.72 -25.46
CA ASN A 53 34.75 6.52 -24.24
C ASN A 53 34.90 8.03 -24.50
N PRO A 54 33.77 8.76 -24.55
CA PRO A 54 33.72 10.12 -25.12
C PRO A 54 34.58 11.18 -24.43
N PRO A 55 34.76 12.35 -25.07
CA PRO A 55 35.55 13.45 -24.50
C PRO A 55 34.78 14.25 -23.44
N ILE A 56 34.71 13.71 -22.23
CA ILE A 56 33.96 14.31 -21.13
C ILE A 56 34.69 15.55 -20.57
N ASP A 57 35.97 15.40 -20.23
CA ASP A 57 36.75 16.50 -19.65
C ASP A 57 36.90 17.71 -20.60
N GLU A 58 37.00 17.45 -21.89
CA GLU A 58 37.10 18.53 -22.88
C GLU A 58 35.84 19.40 -22.91
N VAL A 59 34.70 18.81 -22.57
CA VAL A 59 33.42 19.53 -22.48
C VAL A 59 33.27 20.24 -21.14
N ILE A 60 33.62 19.52 -20.07
CA ILE A 60 33.44 20.02 -18.71
C ILE A 60 34.35 21.20 -18.37
N SER A 61 35.49 21.31 -19.06
CA SER A 61 36.46 22.37 -18.80
C SER A 61 36.10 23.72 -19.44
N THR A 62 35.15 23.71 -20.38
CA THR A 62 34.71 24.93 -21.05
C THR A 62 33.88 25.80 -20.08
N PRO A 63 34.29 27.06 -19.86
CA PRO A 63 33.68 27.87 -18.81
C PRO A 63 32.19 28.14 -18.99
N GLY A 64 31.40 27.80 -17.97
CA GLY A 64 29.97 28.11 -17.94
C GLY A 64 29.10 27.21 -18.81
N VAL A 65 29.68 26.16 -19.38
CA VAL A 65 28.97 25.27 -20.31
C VAL A 65 28.12 24.23 -19.59
N VAL A 66 28.68 23.59 -18.57
CA VAL A 66 27.91 22.62 -17.76
C VAL A 66 26.77 23.33 -17.00
N ALA A 67 27.05 24.53 -16.51
CA ALA A 67 26.04 25.35 -15.84
C ALA A 67 24.97 25.85 -16.82
N ARG A 68 25.35 26.03 -18.08
CA ARG A 68 24.41 26.39 -19.16
C ARG A 68 23.45 25.23 -19.47
N PHE A 69 23.98 24.01 -19.50
CA PHE A 69 23.13 22.82 -19.66
C PHE A 69 22.14 22.68 -18.51
N VAL A 70 22.58 23.04 -17.30
CA VAL A 70 21.72 22.99 -16.11
C VAL A 70 20.63 24.06 -16.14
N GLU A 71 20.95 25.21 -16.76
CA GLU A 71 19.96 26.27 -16.97
C GLU A 71 18.92 25.82 -17.98
N PHE A 72 19.33 25.05 -19.00
CA PHE A 72 18.39 24.55 -20.01
C PHE A 72 17.34 23.58 -19.44
N LEU A 73 17.72 22.79 -18.43
CA LEU A 73 16.79 21.88 -17.75
C LEU A 73 15.57 22.60 -17.18
N LYS A 74 15.74 23.86 -16.79
CA LYS A 74 14.65 24.68 -16.23
C LYS A 74 13.65 25.19 -17.27
N ARG A 75 13.98 25.09 -18.55
CA ARG A 75 13.12 25.66 -19.59
C ARG A 75 11.97 24.74 -20.00
N LYS A 76 10.88 24.87 -19.24
CA LYS A 76 9.77 23.92 -19.24
C LYS A 76 8.93 23.92 -20.54
N GLU A 77 9.06 24.96 -21.36
CA GLU A 77 8.26 25.11 -22.57
C GLU A 77 8.89 24.54 -23.85
N ASN A 78 10.00 23.81 -23.71
CA ASN A 78 10.74 23.28 -24.86
C ASN A 78 11.21 21.86 -24.56
N CYS A 79 10.40 20.89 -24.93
CA CYS A 79 10.67 19.47 -24.69
C CYS A 79 12.01 19.02 -25.25
N THR A 80 12.27 19.36 -26.52
CA THR A 80 13.43 18.81 -27.23
C THR A 80 14.74 19.26 -26.60
N LEU A 81 14.81 20.54 -26.24
CA LEU A 81 16.00 21.10 -25.60
C LEU A 81 16.23 20.50 -24.22
N GLN A 82 15.15 20.31 -23.45
CA GLN A 82 15.22 19.70 -22.11
C GLN A 82 15.74 18.27 -22.17
N PHE A 83 15.32 17.54 -23.21
CA PHE A 83 15.76 16.17 -23.45
C PHE A 83 17.22 16.11 -23.91
N GLU A 84 17.59 16.98 -24.84
CA GLU A 84 18.98 17.00 -25.33
C GLU A 84 19.95 17.36 -24.21
N SER A 85 19.60 18.39 -23.43
CA SER A 85 20.37 18.77 -22.25
C SER A 85 20.49 17.60 -21.27
N ALA A 86 19.35 16.98 -20.98
CA ALA A 86 19.31 15.87 -20.03
C ALA A 86 20.16 14.69 -20.51
N TRP A 87 20.10 14.40 -21.81
CA TRP A 87 20.94 13.36 -22.43
C TRP A 87 22.42 13.66 -22.23
N VAL A 88 22.82 14.92 -22.45
CA VAL A 88 24.23 15.33 -22.32
C VAL A 88 24.77 15.15 -20.91
N LEU A 89 24.04 15.68 -19.92
CA LEU A 89 24.46 15.64 -18.51
C LEU A 89 24.44 14.22 -17.93
N THR A 90 23.60 13.36 -18.49
CA THR A 90 23.57 11.93 -18.15
C THR A 90 24.90 11.28 -18.48
N ASN A 91 25.41 11.55 -19.68
CA ASN A 91 26.66 10.95 -20.17
C ASN A 91 27.90 11.50 -19.46
N ILE A 92 27.88 12.79 -19.13
CA ILE A 92 28.89 13.37 -18.23
C ILE A 92 28.81 12.66 -16.87
N ALA A 93 27.59 12.37 -16.44
CA ALA A 93 27.33 11.70 -15.17
C ALA A 93 27.78 10.24 -15.16
N SER A 94 27.82 9.60 -16.34
CA SER A 94 28.50 8.32 -16.48
C SER A 94 30.00 8.63 -16.53
N GLY A 95 30.82 7.74 -15.98
CA GLY A 95 32.26 7.98 -15.95
C GLY A 95 32.73 8.35 -14.56
N ASN A 96 33.82 9.13 -14.51
CA ASN A 96 34.57 9.40 -13.27
C ASN A 96 33.71 10.00 -12.17
N SER A 97 34.15 9.83 -10.93
CA SER A 97 33.58 10.56 -9.80
C SER A 97 33.91 12.02 -9.94
N LEU A 98 35.11 12.32 -10.42
CA LEU A 98 35.55 13.71 -10.63
C LEU A 98 34.65 14.41 -11.64
N GLN A 99 34.29 13.70 -12.71
CA GLN A 99 33.40 14.21 -13.75
C GLN A 99 31.96 14.37 -13.22
N THR A 100 31.50 13.38 -12.46
CA THR A 100 30.18 13.43 -11.82
C THR A 100 30.09 14.48 -10.70
N ARG A 101 31.23 15.00 -10.23
CA ARG A 101 31.26 16.07 -9.22
C ARG A 101 30.75 17.40 -9.76
N ILE A 102 31.18 17.73 -10.97
CA ILE A 102 30.83 19.01 -11.57
C ILE A 102 29.32 19.11 -11.84
N VAL A 103 28.70 17.99 -12.20
CA VAL A 103 27.26 17.93 -12.44
C VAL A 103 26.46 18.18 -11.15
N ILE A 104 26.93 17.62 -10.04
CA ILE A 104 26.31 17.87 -8.74
C ILE A 104 26.52 19.32 -8.29
N GLN A 105 27.77 19.78 -8.35
CA GLN A 105 28.12 21.13 -7.95
C GLN A 105 27.44 22.19 -8.81
N ALA A 106 27.17 21.86 -10.08
CA ALA A 106 26.36 22.73 -10.94
C ALA A 106 24.89 22.80 -10.48
N GLY A 107 24.47 21.87 -9.61
CA GLY A 107 23.16 21.95 -8.96
C GLY A 107 22.03 21.32 -9.77
N ALA A 108 22.38 20.24 -10.47
CA ALA A 108 21.49 19.59 -11.43
C ALA A 108 20.59 18.54 -10.80
N VAL A 109 20.98 18.01 -9.63
CA VAL A 109 20.21 16.99 -8.95
C VAL A 109 18.82 17.52 -8.57
N PRO A 110 18.74 18.56 -7.72
CA PRO A 110 17.41 19.11 -7.40
C PRO A 110 16.51 19.40 -8.63
N ILE A 111 17.10 19.87 -9.72
CA ILE A 111 16.37 20.16 -10.96
C ILE A 111 15.91 18.91 -11.72
N PHE A 112 16.73 17.87 -11.73
CA PHE A 112 16.33 16.58 -12.31
C PHE A 112 15.14 15.96 -11.57
N ILE A 113 15.13 16.11 -10.25
CA ILE A 113 14.02 15.62 -9.43
C ILE A 113 12.72 16.39 -9.73
N GLU A 114 12.84 17.69 -10.03
CA GLU A 114 11.70 18.45 -10.54
C GLU A 114 11.22 17.89 -11.88
N LEU A 115 12.15 17.51 -12.75
CA LEU A 115 11.81 16.97 -14.06
C LEU A 115 11.17 15.59 -14.03
N LEU A 116 11.27 14.90 -12.89
CA LEU A 116 10.51 13.67 -12.67
C LEU A 116 8.99 13.93 -12.72
N SER A 117 8.60 15.18 -12.46
CA SER A 117 7.20 15.64 -12.59
C SER A 117 7.01 16.53 -13.82
N SER A 118 7.80 16.31 -14.87
CA SER A 118 7.63 17.02 -16.14
C SER A 118 6.46 16.47 -16.92
N GLU A 119 5.95 17.28 -17.84
CA GLU A 119 4.80 16.92 -18.68
C GLU A 119 5.20 16.10 -19.92
N PHE A 120 6.50 16.01 -20.20
CA PHE A 120 7.02 15.23 -21.32
C PHE A 120 7.67 13.92 -20.83
N GLU A 121 7.28 12.79 -21.42
CA GLU A 121 7.78 11.45 -21.03
C GLU A 121 9.29 11.37 -21.24
N ASP A 122 9.74 11.76 -22.44
CA ASP A 122 11.16 11.75 -22.79
C ASP A 122 12.01 12.43 -21.73
N VAL A 123 11.53 13.56 -21.22
CA VAL A 123 12.26 14.34 -20.22
C VAL A 123 12.26 13.63 -18.87
N GLN A 124 11.08 13.17 -18.44
CA GLN A 124 10.91 12.40 -17.20
C GLN A 124 11.89 11.24 -17.14
N GLU A 125 11.96 10.51 -18.25
CA GLU A 125 12.72 9.28 -18.35
C GLU A 125 14.23 9.50 -18.39
N GLN A 126 14.70 10.59 -19.00
CA GLN A 126 16.14 10.85 -19.05
C GLN A 126 16.61 11.50 -17.77
N ALA A 127 15.69 12.13 -17.05
CA ALA A 127 15.97 12.66 -15.72
C ALA A 127 16.27 11.52 -14.76
N VAL A 128 15.47 10.45 -14.83
CA VAL A 128 15.65 9.22 -13.99
C VAL A 128 17.00 8.55 -14.21
N TRP A 129 17.36 8.39 -15.50
CA TRP A 129 18.63 7.84 -15.94
C TRP A 129 19.79 8.71 -15.43
N ALA A 130 19.65 10.03 -15.54
CA ALA A 130 20.69 10.93 -15.07
C ALA A 130 20.94 10.70 -13.57
N LEU A 131 19.85 10.72 -12.81
CA LEU A 131 19.89 10.56 -11.36
C LEU A 131 20.35 9.17 -10.93
N GLY A 132 20.02 8.16 -11.73
CA GLY A 132 20.55 6.80 -11.55
C GLY A 132 22.07 6.79 -11.61
N ASN A 133 22.62 7.52 -12.58
CA ASN A 133 24.07 7.64 -12.72
C ASN A 133 24.69 8.40 -11.55
N ILE A 134 24.09 9.51 -11.16
CA ILE A 134 24.59 10.27 -10.03
C ILE A 134 24.48 9.44 -8.74
N ALA A 135 23.36 8.74 -8.54
CA ALA A 135 23.21 7.84 -7.38
C ALA A 135 24.26 6.71 -7.41
N GLY A 136 24.65 6.30 -8.61
CA GLY A 136 25.58 5.19 -8.79
C GLY A 136 27.04 5.54 -8.64
N ASP A 137 27.36 6.83 -8.49
CA ASP A 137 28.76 7.24 -8.41
C ASP A 137 29.42 6.80 -7.10
N SER A 138 28.72 6.95 -5.98
CA SER A 138 29.27 6.54 -4.70
C SER A 138 28.21 6.54 -3.60
N THR A 139 28.62 6.10 -2.43
CA THR A 139 27.86 6.22 -1.18
C THR A 139 27.37 7.65 -0.88
N MET A 140 28.24 8.62 -1.08
CA MET A 140 27.92 10.02 -0.71
C MET A 140 26.99 10.67 -1.73
N CYS A 141 27.12 10.30 -2.99
CA CYS A 141 26.24 10.81 -4.04
C CYS A 141 24.86 10.17 -3.96
N ARG A 142 24.82 8.90 -3.58
CA ARG A 142 23.58 8.14 -3.38
C ARG A 142 22.73 8.79 -2.29
N ASP A 143 23.36 9.13 -1.18
CA ASP A 143 22.66 9.70 -0.04
C ASP A 143 22.15 11.12 -0.30
N TYR A 144 22.98 11.95 -0.93
CA TYR A 144 22.59 13.31 -1.35
C TYR A 144 21.33 13.27 -2.20
N VAL A 145 21.31 12.38 -3.19
CA VAL A 145 20.15 12.22 -4.05
C VAL A 145 18.93 11.84 -3.19
N LEU A 146 19.11 10.92 -2.25
CA LEU A 146 18.04 10.55 -1.31
C LEU A 146 17.62 11.73 -0.44
N ASP A 147 18.60 12.53 -0.02
CA ASP A 147 18.36 13.75 0.80
C ASP A 147 17.78 14.94 0.02
N CYS A 148 17.72 14.83 -1.31
CA CYS A 148 17.00 15.80 -2.14
C CYS A 148 15.59 15.31 -2.48
N ASN A 149 15.10 14.34 -1.70
CA ASN A 149 13.77 13.76 -1.87
C ASN A 149 13.43 13.28 -3.30
N ILE A 150 14.32 12.48 -3.88
CA ILE A 150 14.06 11.85 -5.17
C ILE A 150 12.89 10.86 -5.09
N LEU A 151 12.71 10.22 -3.93
CA LEU A 151 11.89 9.01 -3.86
C LEU A 151 10.38 9.19 -4.13
N PRO A 152 9.73 10.13 -3.44
CA PRO A 152 8.31 10.38 -3.72
C PRO A 152 7.94 10.59 -5.20
N PRO A 153 8.62 11.52 -5.93
CA PRO A 153 8.33 11.61 -7.37
C PRO A 153 8.77 10.39 -8.21
N LEU A 154 9.84 9.71 -7.80
CA LEU A 154 10.34 8.56 -8.54
C LEU A 154 9.34 7.40 -8.49
N LEU A 155 8.72 7.21 -7.32
CA LEU A 155 7.75 6.14 -7.13
C LEU A 155 6.44 6.46 -7.82
N GLN A 156 6.17 7.75 -8.00
CA GLN A 156 4.98 8.21 -8.73
C GLN A 156 5.04 7.87 -10.23
N LEU A 157 6.24 7.73 -10.79
CA LEU A 157 6.39 7.25 -12.17
C LEU A 157 5.68 5.92 -12.34
N PHE A 158 5.93 4.97 -11.44
CA PHE A 158 5.30 3.64 -11.48
C PHE A 158 3.77 3.69 -11.40
N SER A 159 3.22 4.79 -10.87
CA SER A 159 1.78 5.01 -10.65
C SER A 159 0.94 5.19 -11.92
N LYS A 160 1.55 5.07 -13.09
CA LYS A 160 0.80 5.17 -14.35
C LYS A 160 1.34 4.15 -15.34
N GLN A 161 0.50 3.77 -16.31
CA GLN A 161 0.95 2.89 -17.41
C GLN A 161 1.93 3.68 -18.29
N ASN A 162 3.20 3.54 -17.93
CA ASN A 162 4.31 4.11 -18.68
C ASN A 162 4.83 3.07 -19.66
N ARG A 163 5.57 3.52 -20.66
CA ARG A 163 6.21 2.59 -21.57
C ARG A 163 7.24 1.73 -20.82
N LEU A 164 7.65 0.63 -21.43
CA LEU A 164 8.55 -0.35 -20.82
C LEU A 164 9.96 0.20 -20.50
N THR A 165 10.48 1.10 -21.35
CA THR A 165 11.82 1.69 -21.16
C THR A 165 11.89 2.62 -19.94
N MET A 166 10.78 3.28 -19.66
CA MET A 166 10.61 4.10 -18.46
C MET A 166 10.67 3.24 -17.20
N THR A 167 9.88 2.18 -17.20
CA THR A 167 9.79 1.25 -16.07
C THR A 167 11.16 0.62 -15.75
N ARG A 168 11.91 0.26 -16.79
CA ARG A 168 13.27 -0.26 -16.64
C ARG A 168 14.24 0.77 -16.08
N ASN A 169 14.15 1.99 -16.57
CA ASN A 169 15.03 3.05 -16.09
C ASN A 169 14.75 3.42 -14.66
N ALA A 170 13.48 3.36 -14.31
CA ALA A 170 13.04 3.73 -12.97
C ALA A 170 13.45 2.68 -11.94
N VAL A 171 13.31 1.40 -12.27
CA VAL A 171 13.72 0.35 -11.32
C VAL A 171 15.21 0.31 -11.20
N TRP A 172 15.91 0.55 -12.32
CA TRP A 172 17.35 0.57 -12.32
C TRP A 172 17.85 1.66 -11.37
N ALA A 173 17.27 2.84 -11.46
CA ALA A 173 17.62 3.95 -10.56
C ALA A 173 17.35 3.58 -9.11
N LEU A 174 16.18 2.99 -8.89
CA LEU A 174 15.75 2.51 -7.57
C LEU A 174 16.81 1.58 -6.96
N SER A 175 17.26 0.60 -7.75
CA SER A 175 18.28 -0.34 -7.30
C SER A 175 19.58 0.39 -6.92
N ASN A 176 19.93 1.44 -7.66
CA ASN A 176 21.13 2.22 -7.33
C ASN A 176 20.97 3.04 -6.05
N LEU A 177 19.73 3.40 -5.73
CA LEU A 177 19.43 4.06 -4.45
C LEU A 177 19.60 3.13 -3.24
N CYS A 178 19.25 1.85 -3.44
CA CYS A 178 19.28 0.84 -2.37
C CYS A 178 20.66 0.20 -2.18
N ARG A 179 21.58 0.54 -3.08
CA ARG A 179 22.85 -0.16 -3.25
C ARG A 179 23.91 0.40 -2.34
N GLY A 180 24.92 -0.41 -2.05
CA GLY A 180 26.06 0.05 -1.25
C GLY A 180 25.95 -0.40 0.20
N LYS A 181 27.05 -0.92 0.73
CA LYS A 181 27.03 -1.58 2.02
C LYS A 181 27.83 -0.84 3.08
N SER A 182 28.67 0.12 2.67
CA SER A 182 29.63 0.75 3.57
C SER A 182 29.70 2.27 3.37
N PRO A 183 28.75 3.02 3.95
CA PRO A 183 27.61 2.55 4.71
C PRO A 183 26.39 2.39 3.82
N PRO A 184 25.39 1.60 4.28
CA PRO A 184 24.20 1.44 3.45
C PRO A 184 23.32 2.68 3.54
N PRO A 185 22.30 2.77 2.66
CA PRO A 185 21.47 3.96 2.77
C PRO A 185 20.70 3.88 4.07
N GLU A 186 20.43 5.04 4.68
CA GLU A 186 19.54 5.07 5.82
C GLU A 186 18.25 4.39 5.42
N PHE A 187 17.83 3.40 6.18
CA PHE A 187 16.77 2.47 5.75
C PHE A 187 15.40 3.16 5.60
N ALA A 188 15.12 4.13 6.47
CA ALA A 188 13.88 4.89 6.39
C ALA A 188 13.70 5.67 5.05
N LYS A 189 14.81 5.97 4.37
CA LYS A 189 14.78 6.71 3.11
C LYS A 189 14.53 5.85 1.88
N VAL A 190 14.68 4.54 2.01
CA VAL A 190 14.62 3.64 0.85
C VAL A 190 13.51 2.59 1.00
N SER A 191 13.08 2.32 2.24
CA SER A 191 12.09 1.30 2.52
C SER A 191 10.70 1.57 1.93
N PRO A 192 10.31 2.86 1.79
CA PRO A 192 9.04 3.13 1.09
C PRO A 192 8.91 2.56 -0.32
N CYS A 193 10.01 2.13 -0.96
CA CYS A 193 9.93 1.56 -2.32
C CYS A 193 9.52 0.11 -2.33
N LEU A 194 9.45 -0.50 -1.14
CA LEU A 194 9.18 -1.92 -0.99
C LEU A 194 7.84 -2.35 -1.57
N ASN A 195 6.83 -1.52 -1.44
CA ASN A 195 5.51 -1.81 -2.00
C ASN A 195 5.54 -1.90 -3.54
N VAL A 196 6.30 -1.01 -4.18
CA VAL A 196 6.49 -1.03 -5.63
C VAL A 196 7.24 -2.27 -6.09
N LEU A 197 8.37 -2.54 -5.45
CA LEU A 197 9.16 -3.74 -5.73
C LEU A 197 8.32 -5.01 -5.70
N SER A 198 7.39 -5.11 -4.76
CA SER A 198 6.52 -6.27 -4.66
C SER A 198 5.67 -6.54 -5.86
N TRP A 199 5.00 -5.50 -6.37
CA TRP A 199 4.16 -5.71 -7.54
C TRP A 199 4.98 -5.78 -8.85
N LEU A 200 6.15 -5.15 -8.87
CA LEU A 200 7.08 -5.30 -9.99
C LEU A 200 7.57 -6.72 -10.27
N LEU A 201 7.52 -7.62 -9.27
CA LEU A 201 7.88 -9.04 -9.44
C LEU A 201 6.84 -9.82 -10.23
N PHE A 202 5.71 -9.18 -10.54
CA PHE A 202 4.67 -9.75 -11.37
C PHE A 202 4.80 -9.33 -12.85
N VAL A 203 5.70 -8.41 -13.16
CA VAL A 203 5.94 -8.03 -14.56
C VAL A 203 6.72 -9.15 -15.28
N SER A 204 6.55 -9.28 -16.58
CA SER A 204 7.25 -10.34 -17.33
C SER A 204 8.64 -9.91 -17.84
N ASP A 205 8.83 -8.62 -18.07
CA ASP A 205 10.10 -8.15 -18.64
C ASP A 205 11.28 -8.59 -17.77
N THR A 206 12.23 -9.27 -18.39
CA THR A 206 13.42 -9.78 -17.73
C THR A 206 14.28 -8.68 -17.11
N ASP A 207 14.39 -7.54 -17.79
CA ASP A 207 15.22 -6.43 -17.30
C ASP A 207 14.63 -5.84 -16.02
N VAL A 208 13.31 -5.68 -15.97
CA VAL A 208 12.64 -5.14 -14.79
C VAL A 208 12.71 -6.13 -13.63
N LEU A 209 12.38 -7.40 -13.88
CA LEU A 209 12.48 -8.46 -12.85
C LEU A 209 13.91 -8.50 -12.26
N ALA A 210 14.92 -8.58 -13.12
CA ALA A 210 16.31 -8.61 -12.65
C ALA A 210 16.65 -7.45 -11.72
N ASP A 211 16.33 -6.22 -12.10
CA ASP A 211 16.70 -5.05 -11.25
C ASP A 211 15.85 -4.90 -9.99
N ALA A 212 14.61 -5.36 -10.04
CA ALA A 212 13.74 -5.44 -8.87
C ALA A 212 14.33 -6.39 -7.83
N CYS A 213 14.79 -7.55 -8.29
CA CYS A 213 15.51 -8.50 -7.44
C CYS A 213 16.84 -7.92 -6.90
N TRP A 214 17.62 -7.23 -7.73
CA TRP A 214 18.84 -6.63 -7.23
C TRP A 214 18.52 -5.65 -6.10
N ALA A 215 17.54 -4.78 -6.31
CA ALA A 215 17.09 -3.84 -5.26
C ALA A 215 16.77 -4.54 -3.93
N LEU A 216 15.95 -5.59 -4.00
CA LEU A 216 15.57 -6.40 -2.84
C LEU A 216 16.72 -7.13 -2.17
N SER A 217 17.67 -7.63 -2.97
CA SER A 217 18.87 -8.23 -2.39
C SER A 217 19.68 -7.23 -1.55
N TYR A 218 19.63 -5.95 -1.94
CA TYR A 218 20.34 -4.92 -1.20
C TYR A 218 19.59 -4.56 0.08
N LEU A 219 18.26 -4.54 0.02
CA LEU A 219 17.40 -4.09 1.13
C LEU A 219 17.40 -5.15 2.25
N SER A 220 17.50 -6.42 1.87
CA SER A 220 17.57 -7.51 2.82
C SER A 220 18.99 -7.90 3.24
N ASP A 221 19.99 -7.07 2.90
CA ASP A 221 21.35 -7.27 3.32
C ASP A 221 21.60 -6.43 4.55
N GLY A 222 21.53 -7.05 5.72
CA GLY A 222 21.64 -6.28 6.97
C GLY A 222 20.97 -6.98 8.13
N PRO A 223 20.76 -6.24 9.22
CA PRO A 223 20.14 -6.85 10.37
C PRO A 223 18.70 -7.29 10.13
N ASN A 224 18.20 -8.10 11.05
CA ASN A 224 16.93 -8.78 10.85
C ASN A 224 15.68 -7.89 10.83
N ASP A 225 15.80 -6.67 11.32
CA ASP A 225 14.71 -5.68 11.19
C ASP A 225 14.53 -5.26 9.72
N LYS A 226 15.59 -5.25 8.93
CA LYS A 226 15.48 -4.94 7.51
C LYS A 226 14.83 -6.10 6.78
N ILE A 227 15.12 -7.33 7.22
CA ILE A 227 14.54 -8.52 6.56
C ILE A 227 13.04 -8.66 6.89
N GLN A 228 12.65 -8.19 8.06
CA GLN A 228 11.27 -8.18 8.52
C GLN A 228 10.51 -7.21 7.58
N ALA A 229 11.06 -6.02 7.32
CA ALA A 229 10.44 -5.04 6.39
C ALA A 229 10.30 -5.61 4.97
N VAL A 230 11.30 -6.36 4.52
CA VAL A 230 11.25 -7.00 3.19
C VAL A 230 10.24 -8.14 3.14
N ILE A 231 10.19 -8.99 4.16
CA ILE A 231 9.19 -10.11 4.18
C ILE A 231 7.76 -9.55 4.28
N ASP A 232 7.62 -8.49 5.10
CA ASP A 232 6.36 -7.75 5.32
C ASP A 232 5.74 -7.22 4.03
N ALA A 233 6.61 -6.92 3.07
CA ALA A 233 6.21 -6.42 1.75
C ALA A 233 5.65 -7.51 0.86
N GLY A 234 5.81 -8.77 1.26
CA GLY A 234 5.24 -9.96 0.56
C GLY A 234 6.04 -10.63 -0.54
N VAL A 235 7.27 -10.19 -0.71
CA VAL A 235 8.09 -10.62 -1.87
C VAL A 235 8.62 -12.07 -1.85
N CYS A 236 8.69 -12.74 -0.71
CA CYS A 236 9.37 -14.05 -0.69
C CYS A 236 8.85 -15.08 -1.65
N ARG A 237 7.54 -15.18 -1.79
CA ARG A 237 7.02 -16.27 -2.71
C ARG A 237 7.45 -16.04 -4.14
N ARG A 238 7.28 -14.82 -4.62
CA ARG A 238 7.68 -14.50 -5.99
C ARG A 238 9.19 -14.68 -6.17
N LEU A 239 9.98 -14.18 -5.23
CA LEU A 239 11.43 -14.43 -5.25
C LEU A 239 11.75 -15.90 -5.43
N VAL A 240 11.12 -16.75 -4.62
CA VAL A 240 11.42 -18.14 -4.62
C VAL A 240 11.02 -18.72 -5.96
N GLU A 241 9.87 -18.33 -6.50
CA GLU A 241 9.46 -18.71 -7.85
C GLU A 241 10.43 -18.30 -8.98
N LEU A 242 11.10 -17.16 -8.82
CA LEU A 242 12.04 -16.67 -9.84
C LEU A 242 13.39 -17.43 -9.84
N LEU A 243 13.63 -18.25 -8.81
CA LEU A 243 14.80 -19.14 -8.79
C LEU A 243 14.71 -20.11 -9.97
N MET A 244 13.52 -20.31 -10.53
CA MET A 244 13.33 -21.21 -11.67
C MET A 244 13.21 -20.51 -13.05
N HIS A 245 13.58 -19.23 -13.10
CA HIS A 245 13.58 -18.51 -14.37
C HIS A 245 14.62 -19.08 -15.35
N ASN A 246 14.38 -18.88 -16.64
CA ASN A 246 15.29 -19.28 -17.72
C ASN A 246 16.57 -18.44 -17.86
N ASP A 247 16.54 -17.25 -17.29
CA ASP A 247 17.59 -16.27 -17.53
C ASP A 247 18.37 -16.12 -16.21
N TYR A 248 19.67 -16.36 -16.27
CA TYR A 248 20.55 -16.23 -15.11
C TYR A 248 20.59 -14.80 -14.60
N LYS A 249 20.27 -13.84 -15.47
CA LYS A 249 20.16 -12.43 -15.09
C LYS A 249 19.06 -12.22 -14.08
N VAL A 250 18.03 -13.06 -14.08
CA VAL A 250 17.01 -12.98 -13.02
C VAL A 250 17.37 -13.90 -11.82
N VAL A 251 17.82 -15.12 -12.09
CA VAL A 251 18.13 -16.10 -11.04
C VAL A 251 19.22 -15.63 -10.08
N SER A 252 20.33 -15.09 -10.60
CA SER A 252 21.40 -14.59 -9.75
C SER A 252 20.88 -13.63 -8.67
N PRO A 253 20.28 -12.47 -9.04
CA PRO A 253 19.73 -11.59 -8.00
C PRO A 253 18.58 -12.14 -7.16
N ALA A 254 17.68 -12.94 -7.74
CA ALA A 254 16.61 -13.57 -6.98
C ALA A 254 17.23 -14.46 -5.91
N LEU A 255 18.19 -15.27 -6.33
CA LEU A 255 18.95 -16.12 -5.41
C LEU A 255 19.73 -15.35 -4.34
N ARG A 256 20.19 -14.16 -4.68
CA ARG A 256 20.95 -13.35 -3.74
C ARG A 256 20.04 -12.76 -2.67
N ALA A 257 18.82 -12.34 -3.07
CA ALA A 257 17.79 -11.89 -2.13
C ALA A 257 17.33 -12.99 -1.18
N VAL A 258 16.95 -14.12 -1.74
CA VAL A 258 16.57 -15.28 -0.98
C VAL A 258 17.65 -15.69 0.05
N GLY A 259 18.90 -15.72 -0.38
CA GLY A 259 19.98 -16.16 0.44
C GLY A 259 20.15 -15.22 1.59
N ASN A 260 19.92 -13.95 1.36
CA ASN A 260 20.02 -12.92 2.42
C ASN A 260 18.85 -12.96 3.42
N ILE A 261 17.67 -13.37 2.94
CA ILE A 261 16.49 -13.38 3.80
C ILE A 261 16.67 -14.56 4.79
N VAL A 262 17.13 -15.70 4.28
CA VAL A 262 17.49 -16.84 5.16
C VAL A 262 18.75 -16.68 6.02
N THR A 263 19.33 -15.47 6.10
CA THR A 263 20.26 -15.11 7.16
C THR A 263 19.46 -14.52 8.35
N GLY A 264 18.13 -14.50 8.19
CA GLY A 264 17.19 -14.14 9.24
C GLY A 264 17.12 -15.17 10.36
N ASP A 265 16.50 -14.79 11.50
CA ASP A 265 16.21 -15.76 12.57
C ASP A 265 15.40 -16.89 11.96
N ASP A 266 14.92 -17.84 12.77
CA ASP A 266 14.33 -19.08 12.33
C ASP A 266 12.92 -18.95 11.74
N ILE A 267 12.19 -17.95 12.23
CA ILE A 267 10.85 -17.52 11.75
C ILE A 267 10.98 -16.98 10.30
N GLN A 268 11.91 -16.05 10.14
CA GLN A 268 12.21 -15.46 8.83
C GLN A 268 12.65 -16.48 7.78
N THR A 269 13.43 -17.48 8.20
CA THR A 269 13.92 -18.43 7.24
C THR A 269 12.84 -19.48 6.94
N GLN A 270 11.95 -19.76 7.88
CA GLN A 270 10.75 -20.60 7.60
C GLN A 270 9.87 -19.94 6.57
N VAL A 271 9.76 -18.62 6.62
CA VAL A 271 8.98 -17.91 5.60
C VAL A 271 9.35 -18.37 4.17
N ILE A 272 10.63 -18.64 3.88
CA ILE A 272 11.20 -19.10 2.55
C ILE A 272 11.04 -20.57 2.33
N LEU A 273 11.18 -21.35 3.39
CA LEU A 273 11.03 -22.78 3.26
C LEU A 273 9.62 -23.07 2.93
N ASN A 274 8.70 -22.32 3.50
CA ASN A 274 7.30 -22.51 3.14
C ASN A 274 6.94 -22.23 1.66
N CYS A 275 7.86 -21.86 0.79
CA CYS A 275 7.48 -21.37 -0.52
C CYS A 275 8.03 -22.45 -1.43
N SER A 276 8.39 -23.57 -0.83
CA SER A 276 9.16 -24.62 -1.41
C SER A 276 10.50 -24.25 -2.00
N ALA A 277 11.28 -23.40 -1.35
CA ALA A 277 12.60 -23.10 -1.93
C ALA A 277 13.52 -24.32 -2.20
N LEU A 278 13.53 -25.35 -1.33
CA LEU A 278 14.57 -26.37 -1.42
C LEU A 278 14.56 -27.19 -2.70
N GLN A 279 13.42 -27.54 -3.30
CA GLN A 279 13.54 -28.32 -4.56
C GLN A 279 14.17 -27.44 -5.63
N SER A 280 13.88 -26.13 -5.61
CA SER A 280 14.49 -25.18 -6.55
C SER A 280 15.98 -25.01 -6.27
N LEU A 281 16.35 -24.93 -5.01
CA LEU A 281 17.76 -24.92 -4.62
C LEU A 281 18.49 -26.20 -4.97
N LEU A 282 17.88 -27.36 -4.80
CA LEU A 282 18.53 -28.61 -5.27
C LEU A 282 18.78 -28.58 -6.77
N HIS A 283 17.85 -28.04 -7.54
CA HIS A 283 18.02 -27.88 -8.99
C HIS A 283 19.20 -26.95 -9.31
N LEU A 284 19.31 -25.82 -8.62
CA LEU A 284 20.41 -24.91 -8.88
C LEU A 284 21.79 -25.44 -8.44
N LEU A 285 21.85 -26.53 -7.68
CA LEU A 285 23.14 -27.14 -7.34
C LEU A 285 23.72 -27.89 -8.53
N SER A 286 22.89 -28.27 -9.51
CA SER A 286 23.34 -28.87 -10.79
C SER A 286 23.51 -27.86 -11.94
N SER A 287 23.50 -26.58 -11.62
CA SER A 287 23.57 -25.54 -12.62
C SER A 287 24.89 -25.61 -13.33
N PRO A 288 24.87 -25.37 -14.67
CA PRO A 288 26.14 -25.32 -15.37
C PRO A 288 26.94 -24.05 -15.05
N LYS A 289 26.28 -23.00 -14.54
CA LYS A 289 26.95 -21.75 -14.19
C LYS A 289 27.50 -21.85 -12.78
N GLU A 290 28.80 -21.73 -12.63
CA GLU A 290 29.47 -22.04 -11.37
C GLU A 290 29.07 -21.08 -10.24
N SER A 291 28.75 -19.84 -10.59
CA SER A 291 28.44 -18.83 -9.57
C SER A 291 27.05 -19.08 -8.96
N ILE A 292 26.17 -19.69 -9.74
CA ILE A 292 24.82 -20.06 -9.27
C ILE A 292 24.91 -21.26 -8.33
N LYS A 293 25.74 -22.23 -8.68
CA LYS A 293 26.06 -23.39 -7.86
C LYS A 293 26.52 -22.90 -6.48
N LYS A 294 27.52 -22.01 -6.49
CA LYS A 294 28.09 -21.48 -5.26
C LYS A 294 27.04 -20.75 -4.44
N GLU A 295 26.26 -19.88 -5.08
CA GLU A 295 25.19 -19.11 -4.38
C GLU A 295 24.10 -20.01 -3.80
N ALA A 296 23.78 -21.10 -4.49
CA ALA A 296 22.84 -22.10 -3.97
C ALA A 296 23.36 -22.84 -2.72
N CYS A 297 24.67 -23.16 -2.70
CA CYS A 297 25.31 -23.72 -1.50
C CYS A 297 25.28 -22.74 -0.37
N TRP A 298 25.59 -21.48 -0.69
CA TRP A 298 25.62 -20.42 0.27
C TRP A 298 24.26 -20.23 0.92
N THR A 299 23.22 -20.13 0.10
CA THR A 299 21.85 -20.05 0.59
C THR A 299 21.52 -21.25 1.49
N ILE A 300 21.78 -22.46 0.99
CA ILE A 300 21.49 -23.65 1.76
C ILE A 300 22.21 -23.71 3.10
N SER A 301 23.44 -23.19 3.18
CA SER A 301 24.17 -23.13 4.45
C SER A 301 23.56 -22.23 5.50
N ASN A 302 22.81 -21.24 5.03
CA ASN A 302 22.14 -20.28 5.90
C ASN A 302 20.87 -20.95 6.49
N ILE A 303 20.31 -21.90 5.76
CA ILE A 303 19.14 -22.67 6.23
C ILE A 303 19.60 -23.78 7.22
N THR A 304 20.63 -24.53 6.86
CA THR A 304 21.25 -25.51 7.79
C THR A 304 21.84 -24.88 9.07
N ALA A 305 22.00 -23.56 9.12
CA ALA A 305 22.24 -22.85 10.41
C ALA A 305 20.92 -22.71 11.19
N GLY A 306 19.88 -23.38 10.70
CA GLY A 306 18.56 -23.32 11.30
C GLY A 306 18.38 -24.29 12.46
N ASN A 307 17.11 -24.53 12.81
CA ASN A 307 16.77 -25.39 13.90
C ASN A 307 16.66 -26.82 13.34
N ARG A 308 16.44 -27.83 14.19
CA ARG A 308 16.55 -29.22 13.74
C ARG A 308 15.51 -29.56 12.73
N ALA A 309 14.32 -29.02 12.95
CA ALA A 309 13.20 -29.01 11.99
C ALA A 309 13.65 -28.59 10.59
N GLN A 310 14.32 -27.45 10.54
CA GLN A 310 14.80 -26.94 9.25
C GLN A 310 15.95 -27.72 8.66
N ILE A 311 16.87 -28.18 9.49
CA ILE A 311 17.86 -29.12 9.01
C ILE A 311 17.16 -30.37 8.44
N GLN A 312 16.11 -30.88 9.07
CA GLN A 312 15.39 -32.10 8.51
C GLN A 312 14.80 -31.84 7.16
N THR A 313 14.27 -30.64 6.93
CA THR A 313 13.67 -30.36 5.61
C THR A 313 14.75 -30.48 4.52
N VAL A 314 15.95 -29.92 4.78
CA VAL A 314 17.07 -30.08 3.83
C VAL A 314 17.45 -31.53 3.63
N ILE A 315 17.45 -32.32 4.70
CA ILE A 315 17.72 -33.76 4.57
C ILE A 315 16.67 -34.40 3.68
N ASP A 316 15.39 -34.12 3.94
CA ASP A 316 14.30 -34.76 3.17
C ASP A 316 14.21 -34.33 1.69
N ALA A 317 14.78 -33.17 1.34
CA ALA A 317 14.87 -32.69 -0.07
C ALA A 317 15.93 -33.41 -0.85
N ASN A 318 16.73 -34.24 -0.16
CA ASN A 318 17.86 -34.92 -0.78
C ASN A 318 18.98 -33.96 -1.23
N ILE A 319 19.19 -32.93 -0.44
CA ILE A 319 20.21 -31.95 -0.73
C ILE A 319 21.62 -32.51 -0.42
N PHE A 320 21.78 -33.31 0.65
CA PHE A 320 23.16 -33.63 1.11
C PHE A 320 24.03 -34.45 0.19
N PRO A 321 23.48 -35.47 -0.50
CA PRO A 321 24.37 -36.12 -1.45
C PRO A 321 25.04 -35.15 -2.45
N ALA A 322 24.26 -34.19 -2.96
CA ALA A 322 24.79 -33.14 -3.88
C ALA A 322 25.80 -32.22 -3.21
N LEU A 323 25.55 -31.80 -1.97
CA LEU A 323 26.52 -30.96 -1.23
C LEU A 323 27.83 -31.70 -0.98
N ILE A 324 27.74 -33.01 -0.76
CA ILE A 324 28.92 -33.83 -0.49
C ILE A 324 29.71 -34.05 -1.78
N SER A 325 29.00 -34.28 -2.88
CA SER A 325 29.63 -34.34 -4.18
C SER A 325 30.41 -33.05 -4.50
N ILE A 326 29.77 -31.91 -4.25
CA ILE A 326 30.38 -30.61 -4.50
C ILE A 326 31.60 -30.41 -3.60
N LEU A 327 31.51 -30.89 -2.36
CA LEU A 327 32.55 -30.68 -1.34
C LEU A 327 33.88 -31.34 -1.71
N GLN A 328 33.84 -32.35 -2.60
CA GLN A 328 35.03 -33.09 -2.95
C GLN A 328 35.50 -32.93 -4.40
N THR A 329 34.71 -32.28 -5.25
CA THR A 329 35.12 -32.08 -6.64
C THR A 329 35.04 -30.64 -7.15
N ALA A 330 34.26 -29.78 -6.52
CA ALA A 330 34.06 -28.43 -7.06
C ALA A 330 35.27 -27.54 -6.83
N GLU A 331 35.28 -26.41 -7.53
CA GLU A 331 36.36 -25.44 -7.37
C GLU A 331 36.28 -24.81 -5.97
N PHE A 332 37.44 -24.41 -5.47
CA PHE A 332 37.59 -23.94 -4.10
C PHE A 332 36.43 -23.08 -3.58
N ARG A 333 36.11 -21.99 -4.29
CA ARG A 333 35.13 -21.05 -3.75
C ARG A 333 33.72 -21.65 -3.58
N THR A 334 33.36 -22.59 -4.46
CA THR A 334 32.13 -23.33 -4.31
C THR A 334 32.25 -24.31 -3.13
N ARG A 335 33.35 -25.08 -3.10
CA ARG A 335 33.65 -26.03 -2.01
C ARG A 335 33.51 -25.43 -0.63
N LYS A 336 33.99 -24.21 -0.48
CA LYS A 336 33.91 -23.49 0.77
C LYS A 336 32.47 -23.24 1.22
N GLU A 337 31.57 -22.92 0.29
CA GLU A 337 30.18 -22.68 0.67
C GLU A 337 29.49 -23.99 1.06
N ALA A 338 29.79 -25.06 0.34
CA ALA A 338 29.24 -26.37 0.66
C ALA A 338 29.73 -26.87 2.02
N ALA A 339 30.96 -26.49 2.37
CA ALA A 339 31.56 -26.81 3.67
C ALA A 339 30.79 -26.16 4.81
N TRP A 340 30.52 -24.87 4.65
CA TRP A 340 29.64 -24.14 5.57
C TRP A 340 28.28 -24.83 5.71
N ALA A 341 27.71 -25.28 4.61
CA ALA A 341 26.42 -25.91 4.68
C ALA A 341 26.50 -27.16 5.53
N ILE A 342 27.51 -28.01 5.29
CA ILE A 342 27.64 -29.31 5.99
C ILE A 342 27.90 -29.07 7.45
N THR A 343 28.78 -28.11 7.75
CA THR A 343 29.18 -27.82 9.11
C THR A 343 28.07 -27.18 9.93
N ASN A 344 27.31 -26.27 9.36
CA ASN A 344 26.16 -25.72 10.10
C ASN A 344 25.18 -26.82 10.46
N ALA A 345 24.94 -27.73 9.53
CA ALA A 345 24.07 -28.89 9.76
C ALA A 345 24.59 -29.66 10.97
N THR A 346 25.90 -29.98 10.99
CA THR A 346 26.46 -30.71 12.14
C THR A 346 26.40 -29.87 13.46
N SER A 347 26.40 -28.55 13.40
CA SER A 347 26.30 -27.74 14.66
C SER A 347 24.92 -27.81 15.28
N GLY A 348 23.90 -27.82 14.44
CA GLY A 348 22.53 -27.78 14.91
C GLY A 348 21.79 -29.07 15.00
N GLY A 349 22.29 -30.12 14.36
CA GLY A 349 21.51 -31.34 14.17
C GLY A 349 21.57 -32.35 15.30
N SER A 350 20.67 -33.34 15.22
CA SER A 350 20.56 -34.44 16.18
C SER A 350 21.55 -35.55 15.86
N ALA A 351 21.69 -36.50 16.77
CA ALA A 351 22.59 -37.62 16.56
C ALA A 351 22.19 -38.39 15.32
N GLU A 352 20.87 -38.55 15.13
CA GLU A 352 20.38 -39.35 14.02
C GLU A 352 20.65 -38.69 12.66
N GLN A 353 20.60 -37.35 12.63
CA GLN A 353 20.82 -36.53 11.41
C GLN A 353 22.30 -36.52 11.04
N ILE A 354 23.16 -36.36 12.04
CA ILE A 354 24.60 -36.57 11.87
C ILE A 354 24.99 -38.00 11.42
N LYS A 355 24.39 -39.01 12.02
CA LYS A 355 24.60 -40.41 11.60
C LYS A 355 24.34 -40.54 10.11
N TYR A 356 23.21 -40.02 9.64
CA TYR A 356 22.90 -39.97 8.20
C TYR A 356 23.97 -39.21 7.38
N LEU A 357 24.44 -38.05 7.86
CA LEU A 357 25.48 -37.33 7.11
C LEU A 357 26.79 -38.12 7.04
N VAL A 358 27.11 -38.85 8.11
CA VAL A 358 28.27 -39.71 8.14
C VAL A 358 28.14 -40.88 7.16
N GLU A 359 26.96 -41.47 7.07
CA GLU A 359 26.65 -42.56 6.16
C GLU A 359 26.68 -42.18 4.65
N LEU A 360 26.46 -40.90 4.35
CA LEU A 360 26.56 -40.37 2.98
C LEU A 360 27.99 -40.02 2.65
N GLY A 361 28.82 -39.97 3.68
CA GLY A 361 30.26 -39.93 3.53
C GLY A 361 30.81 -38.55 3.78
N CYS A 362 30.27 -37.80 4.72
CA CYS A 362 30.74 -36.44 4.89
C CYS A 362 32.10 -36.29 5.57
N ILE A 363 32.58 -37.30 6.31
CA ILE A 363 33.79 -37.13 7.11
C ILE A 363 35.01 -36.98 6.23
N LYS A 364 35.15 -37.81 5.20
CA LYS A 364 36.33 -37.75 4.32
C LYS A 364 36.54 -36.37 3.67
N PRO A 365 35.55 -35.83 2.94
CA PRO A 365 35.69 -34.47 2.35
C PRO A 365 36.04 -33.38 3.36
N LEU A 366 35.50 -33.50 4.56
CA LEU A 366 35.73 -32.52 5.60
C LEU A 366 37.17 -32.62 6.06
N CYS A 367 37.69 -33.84 6.16
CA CYS A 367 39.08 -34.09 6.57
C CYS A 367 40.05 -33.62 5.50
N ASP A 368 39.73 -33.90 4.23
CA ASP A 368 40.49 -33.42 3.08
C ASP A 368 40.65 -31.90 3.04
N LEU A 369 39.68 -31.16 3.58
CA LEU A 369 39.80 -29.68 3.70
C LEU A 369 40.81 -29.21 4.72
N LEU A 370 41.22 -30.08 5.64
CA LEU A 370 42.17 -29.70 6.68
C LEU A 370 43.56 -29.43 6.12
N THR A 371 43.83 -29.89 4.89
CA THR A 371 45.13 -29.71 4.25
C THR A 371 45.16 -28.58 3.23
N VAL A 372 44.02 -27.90 3.05
CA VAL A 372 43.88 -26.80 2.12
C VAL A 372 44.48 -25.53 2.72
N MET A 373 45.16 -24.74 1.88
CA MET A 373 45.86 -23.56 2.36
C MET A 373 44.92 -22.37 2.35
N ASP A 374 43.89 -22.45 3.19
CA ASP A 374 42.98 -21.34 3.46
C ASP A 374 42.45 -21.52 4.88
N SER A 375 42.83 -20.60 5.77
CA SER A 375 42.56 -20.73 7.19
C SER A 375 41.06 -20.67 7.51
N LYS A 376 40.30 -20.00 6.66
CA LYS A 376 38.87 -19.87 6.87
C LYS A 376 38.15 -21.22 6.62
N ILE A 377 38.52 -21.95 5.58
CA ILE A 377 37.85 -23.23 5.26
C ILE A 377 38.23 -24.34 6.25
N VAL A 378 39.48 -24.28 6.74
CA VAL A 378 39.95 -25.20 7.76
C VAL A 378 39.19 -24.96 9.07
N GLN A 379 39.01 -23.70 9.46
CA GLN A 379 38.18 -23.38 10.63
C GLN A 379 36.82 -24.06 10.49
N VAL A 380 36.21 -23.91 9.32
CA VAL A 380 34.85 -24.43 9.11
C VAL A 380 34.87 -25.94 9.18
N ALA A 381 35.87 -26.54 8.54
CA ALA A 381 36.05 -28.00 8.49
C ALA A 381 36.31 -28.59 9.88
N LEU A 382 37.18 -27.93 10.63
CA LEU A 382 37.43 -28.31 12.01
C LEU A 382 36.19 -28.21 12.86
N ASN A 383 35.41 -27.15 12.69
CA ASN A 383 34.17 -27.01 13.46
C ASN A 383 33.19 -28.16 13.20
N GLY A 384 33.08 -28.62 11.96
CA GLY A 384 32.19 -29.74 11.63
C GLY A 384 32.58 -31.09 12.19
N LEU A 385 33.88 -31.38 12.09
CA LEU A 385 34.47 -32.55 12.70
C LEU A 385 34.30 -32.52 14.22
N GLU A 386 34.49 -31.37 14.84
CA GLU A 386 34.25 -31.20 16.27
C GLU A 386 32.83 -31.52 16.68
N ASN A 387 31.85 -31.04 15.91
CA ASN A 387 30.44 -31.31 16.20
C ASN A 387 30.08 -32.77 16.03
N ILE A 388 30.58 -33.40 14.97
CA ILE A 388 30.38 -34.84 14.75
C ILE A 388 30.90 -35.67 15.94
N LEU A 389 32.10 -35.35 16.40
CA LEU A 389 32.74 -36.06 17.51
C LEU A 389 31.96 -35.97 18.80
N ARG A 390 31.42 -34.78 19.08
CA ARG A 390 30.64 -34.51 20.28
C ARG A 390 29.41 -35.41 20.35
N LEU A 391 28.73 -35.56 19.21
CA LEU A 391 27.57 -36.43 19.13
C LEU A 391 27.97 -37.90 19.17
N GLY A 392 29.18 -38.20 18.71
CA GLY A 392 29.77 -39.51 18.86
C GLY A 392 29.96 -39.95 20.31
N GLU A 393 30.05 -38.98 21.22
CA GLU A 393 30.05 -39.25 22.67
C GLU A 393 28.64 -39.62 23.16
N GLN A 394 27.61 -38.98 22.61
CA GLN A 394 26.23 -39.40 22.89
C GLN A 394 25.99 -40.87 22.49
N GLU A 395 26.55 -41.29 21.36
CA GLU A 395 26.37 -42.66 20.86
C GLU A 395 27.25 -43.64 21.64
N ALA A 396 28.32 -43.14 22.27
CA ALA A 396 29.24 -43.95 23.07
C ALA A 396 28.71 -44.24 24.49
N LYS A 397 27.55 -43.66 24.81
CA LYS A 397 26.82 -43.94 26.06
C LYS A 397 25.45 -44.57 25.80
N ARG A 398 24.87 -44.31 24.62
CA ARG A 398 23.74 -45.12 24.15
C ARG A 398 24.12 -46.59 23.99
N ASN A 399 25.37 -46.85 23.57
CA ASN A 399 25.88 -48.21 23.40
C ASN A 399 26.79 -48.69 24.56
N GLY A 400 27.22 -47.77 25.41
CA GLY A 400 27.95 -48.12 26.65
C GLY A 400 29.37 -48.63 26.52
N THR A 401 29.91 -48.66 25.29
CA THR A 401 31.26 -49.16 25.03
C THR A 401 32.36 -48.18 25.46
N GLY A 402 32.04 -46.89 25.45
CA GLY A 402 33.05 -45.85 25.69
C GLY A 402 33.88 -45.57 24.45
N ILE A 403 33.45 -46.13 23.32
CA ILE A 403 34.12 -45.91 22.04
C ILE A 403 33.28 -44.96 21.20
N ASN A 404 33.89 -43.83 20.87
CA ASN A 404 33.30 -42.88 19.93
C ASN A 404 33.43 -43.49 18.52
N PRO A 405 32.30 -43.71 17.82
CA PRO A 405 32.39 -44.35 16.51
C PRO A 405 33.08 -43.52 15.44
N TYR A 406 33.11 -42.20 15.60
CA TYR A 406 33.65 -41.35 14.55
C TYR A 406 35.16 -41.10 14.70
N CYS A 407 35.76 -41.61 15.77
CA CYS A 407 37.21 -41.60 15.95
C CYS A 407 37.91 -42.44 14.89
N ALA A 408 37.52 -43.70 14.77
CA ALA A 408 38.09 -44.56 13.75
C ALA A 408 37.82 -44.03 12.33
N LEU A 409 36.66 -43.43 12.07
CA LEU A 409 36.37 -42.86 10.74
C LEU A 409 37.22 -41.64 10.40
N ILE A 410 37.36 -40.72 11.35
CA ILE A 410 38.24 -39.57 11.19
C ILE A 410 39.70 -40.02 11.00
N GLU A 411 40.14 -41.01 11.78
CA GLU A 411 41.47 -41.62 11.56
C GLU A 411 41.66 -42.22 10.18
N GLU A 412 40.66 -42.96 9.69
CA GLU A 412 40.71 -43.49 8.35
C GLU A 412 40.83 -42.40 7.30
N ALA A 413 40.10 -41.30 7.50
CA ALA A 413 40.00 -40.23 6.50
C ALA A 413 41.24 -39.35 6.47
N TYR A 414 41.75 -39.05 7.65
CA TYR A 414 42.81 -38.06 7.84
C TYR A 414 44.22 -38.68 7.85
N GLY A 415 44.34 -39.87 8.45
CA GLY A 415 45.59 -40.60 8.46
C GLY A 415 46.10 -40.71 9.87
N LEU A 416 46.69 -41.86 10.18
CA LEU A 416 47.21 -42.14 11.49
C LEU A 416 48.42 -41.25 11.78
N ASP A 417 49.19 -40.92 10.75
CA ASP A 417 50.34 -40.00 10.89
C ASP A 417 49.89 -38.68 11.46
N LYS A 418 48.86 -38.13 10.81
CA LYS A 418 48.35 -36.81 11.15
C LYS A 418 47.65 -36.81 12.48
N ILE A 419 46.94 -37.89 12.81
CA ILE A 419 46.32 -37.99 14.12
C ILE A 419 47.39 -38.06 15.23
N GLU A 420 48.44 -38.85 15.00
CA GLU A 420 49.54 -38.99 15.95
C GLU A 420 50.31 -37.66 16.16
N PHE A 421 50.54 -36.92 15.09
CA PHE A 421 51.14 -35.59 15.22
C PHE A 421 50.32 -34.72 16.17
N LEU A 422 49.01 -34.69 15.99
CA LEU A 422 48.12 -33.88 16.82
C LEU A 422 47.85 -34.40 18.22
N GLN A 423 48.08 -35.69 18.45
CA GLN A 423 47.95 -36.32 19.79
C GLN A 423 49.12 -35.96 20.72
N SER A 424 50.22 -35.49 20.14
CA SER A 424 51.38 -35.08 20.92
C SER A 424 51.19 -33.71 21.56
N HIS A 425 51.15 -33.68 22.90
CA HIS A 425 51.08 -32.41 23.62
C HIS A 425 52.39 -31.60 23.51
N GLU A 426 53.51 -32.29 23.31
CA GLU A 426 54.80 -31.64 23.10
C GLU A 426 54.80 -30.88 21.78
N ASN A 427 54.25 -31.48 20.72
CA ASN A 427 54.01 -30.72 19.47
C ASN A 427 53.11 -29.51 19.70
N GLN A 428 52.07 -29.66 20.51
CA GLN A 428 51.19 -28.55 20.83
C GLN A 428 51.92 -27.37 21.49
N GLU A 429 52.85 -27.70 22.37
CA GLU A 429 53.62 -26.72 23.14
C GLU A 429 54.63 -25.97 22.25
N ILE A 430 55.23 -26.71 21.33
CA ILE A 430 56.16 -26.16 20.33
C ILE A 430 55.49 -25.13 19.41
N TYR A 431 54.35 -25.50 18.83
CA TYR A 431 53.61 -24.61 17.93
C TYR A 431 53.10 -23.38 18.67
N GLN A 432 52.52 -23.58 19.85
CA GLN A 432 52.03 -22.47 20.64
C GLN A 432 53.14 -21.46 20.87
N LYS A 433 54.30 -21.94 21.31
CA LYS A 433 55.47 -21.11 21.58
C LYS A 433 56.01 -20.42 20.30
N ALA A 434 56.09 -21.17 19.20
CA ALA A 434 56.58 -20.63 17.94
C ALA A 434 55.65 -19.51 17.41
N PHE A 435 54.35 -19.76 17.45
CA PHE A 435 53.37 -18.73 17.06
C PHE A 435 53.48 -17.49 17.94
N ASP A 436 53.45 -17.70 19.26
CA ASP A 436 53.58 -16.61 20.25
C ASP A 436 54.85 -15.80 20.05
N LEU A 437 55.98 -16.47 19.82
CA LEU A 437 57.26 -15.82 19.71
C LEU A 437 57.39 -14.95 18.47
N ILE A 438 57.04 -15.51 17.31
CA ILE A 438 57.15 -14.78 16.06
C ILE A 438 56.15 -13.63 16.04
N GLU A 439 54.93 -13.87 16.48
CA GLU A 439 53.92 -12.81 16.52
C GLU A 439 54.31 -11.62 17.43
N HIS A 440 55.00 -11.88 18.52
CA HIS A 440 55.44 -10.83 19.42
C HIS A 440 56.62 -9.98 18.89
N TYR A 441 57.64 -10.63 18.34
CA TYR A 441 58.84 -9.92 17.89
C TYR A 441 58.81 -9.47 16.42
N PHE A 442 57.98 -10.12 15.60
CA PHE A 442 57.82 -9.76 14.18
C PHE A 442 56.46 -9.14 13.85
N GLY A 443 55.51 -9.15 14.79
CA GLY A 443 54.20 -8.58 14.58
C GLY A 443 53.27 -9.57 13.95
N THR A 444 51.97 -9.39 14.18
CA THR A 444 50.94 -10.30 13.66
C THR A 444 50.48 -9.90 12.26
N GLU A 445 50.08 -10.90 11.46
CA GLU A 445 49.86 -10.72 10.03
C GLU A 445 48.98 -11.84 9.52
N THR B 22 -37.39 51.80 7.58
CA THR B 22 -38.16 53.07 7.70
C THR B 22 -39.58 52.80 8.16
N SER B 23 -40.26 53.84 8.63
CA SER B 23 -41.70 53.78 8.88
C SER B 23 -42.48 54.07 7.59
N ASP B 24 -41.75 54.41 6.52
CA ASP B 24 -42.29 54.41 5.16
C ASP B 24 -42.57 52.99 4.67
N MET B 25 -41.82 52.02 5.20
CA MET B 25 -42.01 50.62 4.83
C MET B 25 -43.32 50.05 5.37
N ILE B 26 -43.60 50.29 6.65
CA ILE B 26 -44.76 49.68 7.32
C ILE B 26 -46.10 50.25 6.83
N GLU B 27 -46.19 51.56 6.66
CA GLU B 27 -47.46 52.20 6.25
C GLU B 27 -47.76 52.07 4.75
N MET B 28 -46.71 52.04 3.91
CA MET B 28 -46.89 51.84 2.46
C MET B 28 -47.29 50.41 2.12
N ILE B 29 -46.68 49.44 2.80
CA ILE B 29 -46.94 48.02 2.54
C ILE B 29 -48.39 47.65 2.84
N PHE B 30 -48.93 48.15 3.95
CA PHE B 30 -50.33 47.93 4.32
C PHE B 30 -51.31 48.84 3.60
N SER B 31 -50.81 49.85 2.87
CA SER B 31 -51.66 50.77 2.13
C SER B 31 -52.41 50.08 1.01
N LYS B 32 -53.41 50.76 0.44
CA LYS B 32 -54.32 50.16 -0.53
C LYS B 32 -53.98 50.50 -1.99
N SER B 33 -52.79 51.00 -2.26
CA SER B 33 -52.34 51.25 -3.64
C SER B 33 -51.27 50.24 -4.08
N PRO B 34 -51.34 49.76 -5.34
CA PRO B 34 -50.31 48.85 -5.84
C PRO B 34 -48.93 49.49 -6.07
N GLU B 35 -48.91 50.82 -6.25
CA GLU B 35 -47.67 51.55 -6.51
C GLU B 35 -46.76 51.50 -5.29
N GLN B 36 -47.32 51.90 -4.14
CA GLN B 36 -46.57 52.01 -2.89
C GLN B 36 -46.15 50.63 -2.37
N GLN B 37 -46.93 49.60 -2.68
CA GLN B 37 -46.66 48.24 -2.22
C GLN B 37 -45.46 47.61 -2.94
N LEU B 38 -45.41 47.74 -4.26
CA LEU B 38 -44.30 47.23 -5.06
C LEU B 38 -43.02 47.99 -4.73
N SER B 39 -43.15 49.31 -4.61
CA SER B 39 -42.04 50.17 -4.23
C SER B 39 -41.44 49.74 -2.88
N ALA B 40 -42.30 49.65 -1.86
CA ALA B 40 -41.88 49.26 -0.52
C ALA B 40 -41.34 47.83 -0.46
N THR B 41 -41.83 46.97 -1.35
CA THR B 41 -41.35 45.59 -1.44
C THR B 41 -39.97 45.51 -2.11
N GLN B 42 -39.72 46.37 -3.08
CA GLN B 42 -38.38 46.46 -3.72
C GLN B 42 -37.33 46.98 -2.72
N LYS B 43 -37.78 47.80 -1.77
CA LYS B 43 -36.94 48.23 -0.65
C LYS B 43 -36.69 47.07 0.31
N PHE B 44 -37.75 46.36 0.69
CA PHE B 44 -37.63 45.19 1.57
C PHE B 44 -36.69 44.12 1.01
N ARG B 45 -36.64 44.01 -0.31
CA ARG B 45 -35.74 43.05 -0.97
C ARG B 45 -34.26 43.42 -0.76
N LYS B 46 -33.96 44.72 -0.72
CA LYS B 46 -32.58 45.19 -0.55
C LYS B 46 -32.05 44.94 0.86
N LEU B 47 -32.93 44.97 1.86
CA LEU B 47 -32.54 44.68 3.24
C LEU B 47 -32.05 43.24 3.43
N LEU B 48 -32.63 42.31 2.69
CA LEU B 48 -32.27 40.89 2.80
C LEU B 48 -31.40 40.37 1.63
N SER B 49 -30.82 41.30 0.86
CA SER B 49 -29.95 40.95 -0.28
C SER B 49 -28.45 41.13 0.02
N LYS B 50 -28.13 41.97 1.00
CA LYS B 50 -26.72 42.25 1.36
C LYS B 50 -26.03 41.02 1.96
N GLU B 51 -24.76 40.81 1.59
CA GLU B 51 -23.96 39.64 2.02
C GLU B 51 -23.77 39.51 3.54
N PRO B 52 -23.46 40.63 4.25
CA PRO B 52 -23.41 40.55 5.71
C PRO B 52 -24.79 40.18 6.31
N ASN B 53 -24.79 39.19 7.21
CA ASN B 53 -26.03 38.56 7.73
C ASN B 53 -27.26 39.49 7.82
N PRO B 54 -28.40 39.06 7.24
CA PRO B 54 -29.53 39.97 7.01
C PRO B 54 -30.56 39.98 8.15
N PRO B 55 -31.29 41.09 8.32
CA PRO B 55 -32.28 41.19 9.39
C PRO B 55 -33.59 40.44 9.06
N ILE B 56 -33.53 39.11 9.14
CA ILE B 56 -34.71 38.26 8.87
C ILE B 56 -35.67 38.31 10.06
N ASP B 57 -35.12 38.14 11.26
CA ASP B 57 -35.91 38.12 12.50
C ASP B 57 -36.66 39.43 12.71
N GLU B 58 -36.04 40.55 12.33
CA GLU B 58 -36.66 41.86 12.49
C GLU B 58 -37.75 42.13 11.44
N VAL B 59 -37.68 41.45 10.30
CA VAL B 59 -38.76 41.46 9.32
C VAL B 59 -39.93 40.62 9.86
N ILE B 60 -39.60 39.38 10.22
CA ILE B 60 -40.55 38.42 10.78
C ILE B 60 -41.39 38.98 11.92
N SER B 61 -40.74 39.66 12.85
CA SER B 61 -41.40 40.14 14.07
C SER B 61 -42.36 41.32 13.86
N THR B 62 -42.29 41.99 12.71
CA THR B 62 -43.20 43.10 12.41
C THR B 62 -44.63 42.58 12.27
N PRO B 63 -45.63 43.31 12.83
CA PRO B 63 -47.01 42.82 12.84
C PRO B 63 -47.55 42.36 11.48
N GLY B 64 -47.89 41.08 11.38
CA GLY B 64 -48.49 40.50 10.18
C GLY B 64 -47.91 40.96 8.86
N VAL B 65 -46.58 41.04 8.79
CA VAL B 65 -45.88 41.47 7.58
C VAL B 65 -45.55 40.27 6.68
N VAL B 66 -45.32 39.11 7.27
CA VAL B 66 -45.07 37.90 6.50
C VAL B 66 -46.33 37.41 5.78
N ALA B 67 -47.47 37.48 6.46
CA ALA B 67 -48.77 37.14 5.85
C ALA B 67 -49.17 38.13 4.75
N ARG B 68 -48.61 39.34 4.82
CA ARG B 68 -48.78 40.35 3.77
C ARG B 68 -47.98 40.05 2.51
N PHE B 69 -46.80 39.45 2.66
CA PHE B 69 -46.00 38.99 1.50
C PHE B 69 -46.62 37.76 0.83
N VAL B 70 -47.23 36.89 1.63
CA VAL B 70 -47.95 35.73 1.10
C VAL B 70 -49.20 36.20 0.35
N GLU B 71 -49.85 37.26 0.86
CA GLU B 71 -50.96 37.93 0.16
C GLU B 71 -50.55 38.38 -1.25
N PHE B 72 -49.41 39.07 -1.34
CA PHE B 72 -48.91 39.56 -2.63
C PHE B 72 -48.56 38.44 -3.64
N LEU B 73 -48.32 37.23 -3.17
CA LEU B 73 -48.06 36.11 -4.09
C LEU B 73 -49.27 35.82 -4.99
N LYS B 74 -50.48 36.14 -4.53
CA LYS B 74 -51.71 35.87 -5.27
C LYS B 74 -52.09 36.95 -6.31
N ARG B 75 -51.34 38.06 -6.36
CA ARG B 75 -51.68 39.20 -7.22
C ARG B 75 -51.29 38.96 -8.69
N LYS B 76 -52.09 38.11 -9.33
CA LYS B 76 -51.89 37.67 -10.72
C LYS B 76 -51.73 38.79 -11.77
N GLU B 77 -52.26 39.97 -11.47
CA GLU B 77 -52.17 41.10 -12.41
C GLU B 77 -50.88 41.91 -12.27
N ASN B 78 -50.01 41.55 -11.32
CA ASN B 78 -48.76 42.28 -11.09
C ASN B 78 -47.62 41.34 -10.67
N CYS B 79 -46.94 40.79 -11.68
CA CYS B 79 -45.87 39.83 -11.46
C CYS B 79 -44.62 40.43 -10.80
N THR B 80 -44.34 41.70 -11.04
CA THR B 80 -43.23 42.38 -10.37
C THR B 80 -43.45 42.24 -8.86
N LEU B 81 -44.69 42.49 -8.43
CA LEU B 81 -45.05 42.36 -7.03
C LEU B 81 -44.94 40.90 -6.58
N GLN B 82 -45.45 39.98 -7.39
CA GLN B 82 -45.27 38.55 -7.11
C GLN B 82 -43.78 38.20 -7.02
N PHE B 83 -43.02 38.63 -8.02
CA PHE B 83 -41.58 38.34 -8.09
C PHE B 83 -40.83 38.88 -6.88
N GLU B 84 -40.91 40.20 -6.69
CA GLU B 84 -40.22 40.84 -5.58
C GLU B 84 -40.62 40.22 -4.23
N SER B 85 -41.88 39.80 -4.10
CA SER B 85 -42.37 39.14 -2.88
C SER B 85 -41.87 37.72 -2.76
N ALA B 86 -41.81 37.01 -3.89
CA ALA B 86 -41.27 35.66 -3.94
C ALA B 86 -39.77 35.66 -3.59
N TRP B 87 -39.11 36.78 -3.89
CA TRP B 87 -37.70 36.98 -3.58
C TRP B 87 -37.53 37.12 -2.07
N VAL B 88 -38.28 38.05 -1.48
CA VAL B 88 -38.23 38.31 -0.03
C VAL B 88 -38.48 37.06 0.79
N LEU B 89 -39.52 36.31 0.41
CA LEU B 89 -39.88 35.07 1.10
C LEU B 89 -38.86 33.94 0.90
N THR B 90 -38.12 33.98 -0.21
CA THR B 90 -37.02 33.04 -0.42
C THR B 90 -35.89 33.29 0.56
N ASN B 91 -35.57 34.56 0.78
CA ASN B 91 -34.44 34.94 1.64
C ASN B 91 -34.74 34.76 3.13
N ILE B 92 -36.01 34.91 3.51
CA ILE B 92 -36.45 34.56 4.87
C ILE B 92 -36.36 33.03 5.03
N ALA B 93 -36.82 32.31 4.02
CA ALA B 93 -36.80 30.85 4.03
C ALA B 93 -35.38 30.27 4.04
N SER B 94 -34.38 31.06 3.62
CA SER B 94 -32.98 30.77 3.88
C SER B 94 -32.64 31.28 5.29
N GLY B 95 -32.44 30.36 6.22
CA GLY B 95 -32.21 30.76 7.61
C GLY B 95 -32.70 29.74 8.62
N ASN B 96 -33.03 30.22 9.81
CA ASN B 96 -33.41 29.36 10.93
C ASN B 96 -34.59 28.44 10.60
N SER B 97 -34.72 27.37 11.38
CA SER B 97 -35.84 26.46 11.23
C SER B 97 -37.13 27.14 11.70
N LEU B 98 -37.04 27.98 12.73
CA LEU B 98 -38.17 28.80 13.17
C LEU B 98 -38.43 30.01 12.23
N GLN B 99 -37.40 30.45 11.53
CA GLN B 99 -37.54 31.53 10.53
C GLN B 99 -38.31 31.01 9.32
N THR B 100 -37.95 29.80 8.88
CA THR B 100 -38.61 29.15 7.75
C THR B 100 -40.06 28.81 8.07
N ARG B 101 -40.37 28.52 9.34
CA ARG B 101 -41.71 28.07 9.73
C ARG B 101 -42.75 29.20 9.86
N ILE B 102 -42.28 30.44 9.97
CA ILE B 102 -43.18 31.60 9.93
C ILE B 102 -43.77 31.79 8.53
N VAL B 103 -43.04 31.33 7.53
CA VAL B 103 -43.53 31.28 6.14
C VAL B 103 -44.47 30.08 5.91
N ILE B 104 -44.12 28.92 6.46
CA ILE B 104 -44.96 27.71 6.36
C ILE B 104 -46.32 27.88 7.06
N GLN B 105 -46.33 28.57 8.20
CA GLN B 105 -47.56 28.84 8.95
C GLN B 105 -48.41 29.96 8.33
N ALA B 106 -47.75 30.84 7.56
CA ALA B 106 -48.44 31.87 6.79
C ALA B 106 -49.16 31.30 5.56
N GLY B 107 -48.85 30.05 5.21
CA GLY B 107 -49.56 29.31 4.17
C GLY B 107 -48.97 29.49 2.77
N ALA B 108 -47.65 29.60 2.69
CA ALA B 108 -46.97 30.02 1.47
C ALA B 108 -46.70 28.89 0.46
N VAL B 109 -46.57 27.65 0.96
CA VAL B 109 -46.21 26.50 0.11
C VAL B 109 -47.23 26.20 -1.01
N PRO B 110 -48.52 25.99 -0.67
CA PRO B 110 -49.57 25.84 -1.69
C PRO B 110 -49.59 26.93 -2.77
N ILE B 111 -49.35 28.17 -2.37
CA ILE B 111 -49.36 29.32 -3.27
C ILE B 111 -48.14 29.27 -4.20
N PHE B 112 -46.96 29.05 -3.63
CA PHE B 112 -45.76 28.84 -4.45
C PHE B 112 -45.92 27.72 -5.47
N ILE B 113 -46.65 26.67 -5.11
CA ILE B 113 -46.83 25.50 -5.99
C ILE B 113 -47.75 25.83 -7.15
N GLU B 114 -48.77 26.67 -6.91
CA GLU B 114 -49.58 27.24 -7.98
C GLU B 114 -48.73 28.13 -8.90
N LEU B 115 -47.89 28.96 -8.29
CA LEU B 115 -46.97 29.85 -9.02
C LEU B 115 -45.94 29.13 -9.91
N LEU B 116 -45.69 27.84 -9.68
CA LEU B 116 -44.85 27.06 -10.62
C LEU B 116 -45.50 26.95 -12.01
N SER B 117 -46.81 27.18 -12.07
CA SER B 117 -47.56 27.14 -13.33
C SER B 117 -47.78 28.53 -13.93
N SER B 118 -47.15 29.55 -13.34
CA SER B 118 -47.20 30.91 -13.88
C SER B 118 -46.58 31.00 -15.29
N GLU B 119 -46.99 32.03 -16.02
CA GLU B 119 -46.48 32.29 -17.37
C GLU B 119 -45.17 33.06 -17.36
N PHE B 120 -44.92 33.77 -16.26
CA PHE B 120 -43.71 34.58 -16.12
C PHE B 120 -42.62 33.75 -15.46
N GLU B 121 -41.52 33.51 -16.19
CA GLU B 121 -40.42 32.65 -15.72
C GLU B 121 -39.62 33.25 -14.57
N ASP B 122 -39.72 34.56 -14.33
CA ASP B 122 -39.14 35.15 -13.13
C ASP B 122 -39.88 34.62 -11.89
N VAL B 123 -41.20 34.47 -12.02
CA VAL B 123 -42.06 34.04 -10.91
C VAL B 123 -41.90 32.54 -10.72
N GLN B 124 -42.01 31.78 -11.81
CA GLN B 124 -41.82 30.32 -11.79
C GLN B 124 -40.49 29.92 -11.13
N GLU B 125 -39.42 30.63 -11.51
CA GLU B 125 -38.06 30.32 -11.08
C GLU B 125 -37.84 30.65 -9.62
N GLN B 126 -38.36 31.80 -9.18
CA GLN B 126 -38.21 32.23 -7.78
C GLN B 126 -39.13 31.43 -6.85
N ALA B 127 -40.22 30.89 -7.39
CA ALA B 127 -41.12 30.01 -6.63
C ALA B 127 -40.45 28.68 -6.28
N VAL B 128 -39.84 28.04 -7.27
CA VAL B 128 -39.16 26.76 -7.08
C VAL B 128 -37.91 26.91 -6.18
N TRP B 129 -37.25 28.06 -6.28
CA TRP B 129 -36.15 28.43 -5.36
C TRP B 129 -36.66 28.47 -3.94
N ALA B 130 -37.71 29.25 -3.67
CA ALA B 130 -38.26 29.38 -2.32
C ALA B 130 -38.64 28.00 -1.77
N LEU B 131 -39.22 27.16 -2.63
CA LEU B 131 -39.68 25.82 -2.22
C LEU B 131 -38.49 24.91 -1.94
N GLY B 132 -37.37 25.15 -2.61
CA GLY B 132 -36.13 24.44 -2.31
C GLY B 132 -35.61 24.79 -0.93
N ASN B 133 -35.66 26.07 -0.59
CA ASN B 133 -35.34 26.52 0.76
C ASN B 133 -36.25 25.84 1.79
N ILE B 134 -37.55 25.88 1.55
CA ILE B 134 -38.52 25.32 2.49
C ILE B 134 -38.34 23.80 2.63
N ALA B 135 -38.20 23.14 1.49
CA ALA B 135 -38.02 21.68 1.43
C ALA B 135 -36.73 21.22 2.10
N GLY B 136 -35.65 21.98 1.90
CA GLY B 136 -34.35 21.66 2.48
C GLY B 136 -34.14 22.05 3.94
N ASP B 137 -35.19 22.44 4.66
CA ASP B 137 -35.02 22.86 6.05
C ASP B 137 -35.00 21.67 7.02
N SER B 138 -36.02 20.83 6.94
CA SER B 138 -36.10 19.64 7.78
C SER B 138 -36.75 18.50 7.01
N THR B 139 -36.72 17.31 7.60
CA THR B 139 -37.43 16.17 7.05
C THR B 139 -38.94 16.45 7.06
N MET B 140 -39.42 17.09 8.12
CA MET B 140 -40.85 17.38 8.27
C MET B 140 -41.37 18.39 7.23
N CYS B 141 -40.54 19.39 6.93
CA CYS B 141 -40.86 20.38 5.88
C CYS B 141 -40.82 19.79 4.48
N ARG B 142 -39.85 18.92 4.24
CA ARG B 142 -39.67 18.27 2.95
C ARG B 142 -40.91 17.48 2.56
N ASP B 143 -41.42 16.68 3.51
CA ASP B 143 -42.58 15.83 3.27
C ASP B 143 -43.87 16.64 3.15
N TYR B 144 -43.92 17.82 3.79
CA TYR B 144 -45.06 18.73 3.66
C TYR B 144 -45.13 19.34 2.25
N VAL B 145 -44.01 19.84 1.75
CA VAL B 145 -43.93 20.30 0.37
C VAL B 145 -44.27 19.17 -0.62
N LEU B 146 -43.85 17.94 -0.31
CA LEU B 146 -44.21 16.79 -1.12
C LEU B 146 -45.72 16.48 -1.07
N ASP B 147 -46.28 16.44 0.15
CA ASP B 147 -47.73 16.18 0.34
C ASP B 147 -48.64 17.25 -0.29
N CYS B 148 -48.10 18.44 -0.57
CA CYS B 148 -48.81 19.48 -1.32
C CYS B 148 -48.74 19.32 -2.85
N ASN B 149 -48.15 18.23 -3.32
CA ASN B 149 -48.10 17.91 -4.75
C ASN B 149 -47.25 18.88 -5.59
N ILE B 150 -46.08 19.20 -5.06
CA ILE B 150 -45.09 19.99 -5.79
C ILE B 150 -44.57 19.27 -7.04
N LEU B 151 -44.47 17.94 -6.99
CA LEU B 151 -43.72 17.21 -8.01
C LEU B 151 -44.26 17.37 -9.45
N PRO B 152 -45.54 17.07 -9.71
CA PRO B 152 -46.04 17.25 -11.08
C PRO B 152 -45.72 18.61 -11.77
N PRO B 153 -46.14 19.75 -11.18
CA PRO B 153 -45.73 21.01 -11.84
C PRO B 153 -44.22 21.26 -11.87
N LEU B 154 -43.50 20.78 -10.86
CA LEU B 154 -42.05 20.93 -10.81
C LEU B 154 -41.39 20.19 -11.99
N LEU B 155 -41.85 18.97 -12.26
CA LEU B 155 -41.31 18.15 -13.37
C LEU B 155 -41.70 18.68 -14.74
N GLN B 156 -42.77 19.46 -14.81
CA GLN B 156 -43.20 20.06 -16.08
C GLN B 156 -42.25 21.17 -16.53
N LEU B 157 -41.52 21.76 -15.58
CA LEU B 157 -40.54 22.81 -15.89
C LEU B 157 -39.43 22.29 -16.81
N PHE B 158 -39.03 21.03 -16.64
CA PHE B 158 -38.05 20.38 -17.52
C PHE B 158 -38.66 20.00 -18.87
N SER B 159 -39.98 19.84 -18.88
CA SER B 159 -40.72 19.42 -20.08
C SER B 159 -41.00 20.62 -21.00
N LYS B 160 -39.98 21.44 -21.22
CA LYS B 160 -39.93 22.41 -22.31
C LYS B 160 -38.57 23.10 -22.33
N GLN B 161 -38.30 23.80 -23.43
CA GLN B 161 -37.03 24.49 -23.65
C GLN B 161 -36.96 25.77 -22.80
N ASN B 162 -36.44 25.62 -21.57
CA ASN B 162 -36.41 26.70 -20.57
C ASN B 162 -35.02 27.27 -20.32
N ARG B 163 -34.97 28.45 -19.71
CA ARG B 163 -33.70 29.10 -19.38
C ARG B 163 -32.77 28.17 -18.56
N LEU B 164 -31.46 28.38 -18.66
CA LEU B 164 -30.49 27.55 -17.96
C LEU B 164 -30.51 27.70 -16.44
N THR B 165 -30.65 28.94 -15.95
CA THR B 165 -30.78 29.18 -14.50
C THR B 165 -32.06 28.54 -13.92
N MET B 166 -33.07 28.32 -14.76
CA MET B 166 -34.29 27.63 -14.35
C MET B 166 -34.05 26.13 -14.17
N THR B 167 -33.37 25.54 -15.13
CA THR B 167 -33.02 24.13 -15.08
C THR B 167 -32.17 23.84 -13.85
N ARG B 168 -31.24 24.74 -13.54
CA ARG B 168 -30.38 24.60 -12.37
C ARG B 168 -31.20 24.68 -11.08
N ASN B 169 -32.08 25.66 -11.01
CA ASN B 169 -32.94 25.86 -9.84
C ASN B 169 -33.87 24.68 -9.60
N ALA B 170 -34.46 24.15 -10.68
CA ALA B 170 -35.44 23.07 -10.59
C ALA B 170 -34.82 21.75 -10.14
N VAL B 171 -33.60 21.45 -10.59
CA VAL B 171 -32.91 20.22 -10.14
C VAL B 171 -32.41 20.35 -8.70
N TRP B 172 -31.93 21.54 -8.35
CA TRP B 172 -31.50 21.80 -6.97
C TRP B 172 -32.67 21.58 -6.04
N ALA B 173 -33.83 22.13 -6.39
CA ALA B 173 -35.06 21.96 -5.61
C ALA B 173 -35.42 20.49 -5.50
N LEU B 174 -35.37 19.81 -6.64
CA LEU B 174 -35.68 18.39 -6.73
C LEU B 174 -34.74 17.55 -5.87
N SER B 175 -33.50 18.00 -5.71
CA SER B 175 -32.52 17.23 -4.95
C SER B 175 -32.82 17.30 -3.46
N ASN B 176 -33.25 18.48 -3.00
CA ASN B 176 -33.76 18.65 -1.65
C ASN B 176 -35.03 17.83 -1.36
N LEU B 177 -35.81 17.51 -2.39
CA LEU B 177 -36.99 16.64 -2.22
C LEU B 177 -36.59 15.18 -1.97
N CYS B 178 -35.44 14.79 -2.52
CA CYS B 178 -34.91 13.42 -2.36
C CYS B 178 -34.04 13.26 -1.12
N ARG B 179 -33.62 14.39 -0.56
CA ARG B 179 -32.60 14.43 0.47
C ARG B 179 -33.16 14.00 1.81
N GLY B 180 -32.28 13.60 2.72
CA GLY B 180 -32.67 13.25 4.10
C GLY B 180 -32.72 11.74 4.30
N LYS B 181 -32.04 11.28 5.34
CA LYS B 181 -31.84 9.85 5.61
C LYS B 181 -32.67 9.33 6.79
N SER B 182 -33.19 10.23 7.62
CA SER B 182 -33.89 9.83 8.84
C SER B 182 -35.07 10.75 9.18
N PRO B 183 -36.30 10.37 8.77
CA PRO B 183 -36.64 9.29 7.85
C PRO B 183 -36.40 9.72 6.41
N PRO B 184 -36.24 8.76 5.49
CA PRO B 184 -36.22 9.18 4.09
C PRO B 184 -37.64 9.50 3.61
N PRO B 185 -37.77 10.24 2.51
CA PRO B 185 -39.11 10.50 2.03
C PRO B 185 -39.74 9.19 1.58
N GLU B 186 -41.08 9.15 1.55
CA GLU B 186 -41.80 8.02 0.96
C GLU B 186 -41.36 7.94 -0.50
N PHE B 187 -40.74 6.83 -0.87
CA PHE B 187 -40.13 6.67 -2.20
C PHE B 187 -41.10 6.90 -3.37
N ALA B 188 -42.34 6.47 -3.22
CA ALA B 188 -43.38 6.61 -4.25
C ALA B 188 -43.74 8.06 -4.56
N LYS B 189 -43.51 8.96 -3.59
CA LYS B 189 -43.75 10.39 -3.80
C LYS B 189 -42.67 11.04 -4.64
N VAL B 190 -41.47 10.50 -4.55
CA VAL B 190 -40.29 11.16 -5.10
C VAL B 190 -39.68 10.43 -6.33
N SER B 191 -39.92 9.13 -6.42
CA SER B 191 -39.46 8.34 -7.56
C SER B 191 -40.03 8.70 -8.96
N PRO B 192 -41.18 9.43 -9.04
CA PRO B 192 -41.59 9.91 -10.38
C PRO B 192 -40.58 10.80 -11.14
N CYS B 193 -39.61 11.39 -10.45
CA CYS B 193 -38.59 12.23 -11.08
C CYS B 193 -37.47 11.43 -11.79
N LEU B 194 -37.42 10.12 -11.60
CA LEU B 194 -36.29 9.32 -12.10
C LEU B 194 -36.10 9.40 -13.61
N ASN B 195 -37.19 9.58 -14.35
CA ASN B 195 -37.15 9.77 -15.80
C ASN B 195 -36.40 11.03 -16.21
N VAL B 196 -36.76 12.13 -15.56
CA VAL B 196 -36.13 13.41 -15.83
C VAL B 196 -34.64 13.36 -15.46
N LEU B 197 -34.33 12.86 -14.27
CA LEU B 197 -32.93 12.72 -13.80
C LEU B 197 -32.10 11.96 -14.82
N SER B 198 -32.67 10.89 -15.38
CA SER B 198 -31.98 10.08 -16.35
C SER B 198 -31.61 10.89 -17.57
N TRP B 199 -32.57 11.67 -18.08
CA TRP B 199 -32.39 12.45 -19.30
C TRP B 199 -31.48 13.67 -19.05
N LEU B 200 -31.53 14.25 -17.86
CA LEU B 200 -30.66 15.38 -17.49
C LEU B 200 -29.18 15.02 -17.43
N LEU B 201 -28.84 13.74 -17.31
CA LEU B 201 -27.45 13.31 -17.36
C LEU B 201 -26.83 13.47 -18.74
N PHE B 202 -27.62 13.78 -19.76
CA PHE B 202 -27.10 14.09 -21.10
C PHE B 202 -26.77 15.58 -21.33
N VAL B 203 -27.18 16.43 -20.39
CA VAL B 203 -26.89 17.88 -20.43
C VAL B 203 -25.42 18.15 -20.11
N SER B 204 -24.90 19.30 -20.53
CA SER B 204 -23.46 19.60 -20.37
C SER B 204 -23.15 20.58 -19.22
N ASP B 205 -24.14 21.35 -18.79
CA ASP B 205 -23.95 22.29 -17.69
C ASP B 205 -23.52 21.58 -16.41
N THR B 206 -22.40 22.04 -15.86
CA THR B 206 -21.82 21.46 -14.64
C THR B 206 -22.77 21.51 -13.45
N ASP B 207 -23.45 22.64 -13.28
CA ASP B 207 -24.38 22.82 -12.14
C ASP B 207 -25.55 21.83 -12.19
N VAL B 208 -26.10 21.61 -13.38
CA VAL B 208 -27.25 20.71 -13.56
C VAL B 208 -26.86 19.26 -13.30
N LEU B 209 -25.81 18.82 -13.96
CA LEU B 209 -25.22 17.50 -13.74
C LEU B 209 -24.94 17.21 -12.25
N ALA B 210 -24.26 18.13 -11.58
CA ALA B 210 -23.91 17.95 -10.17
C ALA B 210 -25.13 17.77 -9.29
N ASP B 211 -26.17 18.57 -9.51
CA ASP B 211 -27.43 18.39 -8.78
C ASP B 211 -28.22 17.14 -9.21
N ALA B 212 -28.18 16.79 -10.49
CA ALA B 212 -28.82 15.56 -10.96
C ALA B 212 -28.17 14.37 -10.25
N CYS B 213 -26.85 14.42 -10.09
CA CYS B 213 -26.10 13.38 -9.42
C CYS B 213 -26.35 13.31 -7.93
N TRP B 214 -26.42 14.46 -7.25
CA TRP B 214 -26.77 14.46 -5.84
C TRP B 214 -28.14 13.85 -5.65
N ALA B 215 -29.12 14.28 -6.45
CA ALA B 215 -30.47 13.73 -6.38
C ALA B 215 -30.45 12.19 -6.46
N LEU B 216 -29.81 11.68 -7.51
CA LEU B 216 -29.67 10.22 -7.72
C LEU B 216 -28.98 9.51 -6.52
N SER B 217 -28.01 10.19 -5.93
CA SER B 217 -27.29 9.61 -4.80
C SER B 217 -28.19 9.49 -3.56
N TYR B 218 -29.16 10.40 -3.45
CA TYR B 218 -30.15 10.34 -2.38
C TYR B 218 -31.18 9.24 -2.62
N LEU B 219 -31.62 9.10 -3.86
CA LEU B 219 -32.60 8.08 -4.22
C LEU B 219 -32.05 6.66 -4.13
N SER B 220 -30.74 6.51 -4.27
CA SER B 220 -30.09 5.18 -4.27
C SER B 220 -29.53 4.79 -2.89
N ASP B 221 -29.63 5.69 -1.93
CA ASP B 221 -29.20 5.44 -0.56
C ASP B 221 -30.32 4.72 0.17
N GLY B 222 -30.13 3.44 0.50
CA GLY B 222 -31.18 2.65 1.10
C GLY B 222 -31.31 1.23 0.56
N PRO B 223 -32.47 0.59 0.80
CA PRO B 223 -32.61 -0.81 0.44
C PRO B 223 -32.51 -1.06 -1.06
N ASN B 224 -32.40 -2.33 -1.42
CA ASN B 224 -32.13 -2.75 -2.78
C ASN B 224 -33.31 -2.58 -3.73
N ASP B 225 -34.52 -2.42 -3.17
CA ASP B 225 -35.68 -2.08 -4.00
C ASP B 225 -35.65 -0.64 -4.52
N LYS B 226 -35.04 0.28 -3.76
CA LYS B 226 -34.79 1.64 -4.25
C LYS B 226 -33.71 1.68 -5.34
N ILE B 227 -32.60 0.95 -5.13
CA ILE B 227 -31.52 0.86 -6.11
C ILE B 227 -32.00 0.25 -7.44
N GLN B 228 -32.87 -0.75 -7.34
CA GLN B 228 -33.50 -1.33 -8.50
C GLN B 228 -34.21 -0.27 -9.37
N ALA B 229 -34.99 0.59 -8.73
CA ALA B 229 -35.72 1.65 -9.42
C ALA B 229 -34.77 2.66 -10.04
N VAL B 230 -33.66 2.93 -9.37
CA VAL B 230 -32.65 3.83 -9.92
C VAL B 230 -31.93 3.20 -11.13
N ILE B 231 -31.62 1.90 -11.08
CA ILE B 231 -30.99 1.21 -12.22
C ILE B 231 -31.96 1.13 -13.40
N ASP B 232 -33.22 0.85 -13.08
CA ASP B 232 -34.30 0.85 -14.05
C ASP B 232 -34.45 2.16 -14.84
N ALA B 233 -34.10 3.31 -14.25
CA ALA B 233 -34.09 4.60 -14.98
C ALA B 233 -33.01 4.74 -16.06
N GLY B 234 -32.02 3.85 -16.07
CA GLY B 234 -30.96 3.85 -17.09
C GLY B 234 -29.73 4.67 -16.74
N VAL B 235 -29.71 5.26 -15.55
CA VAL B 235 -28.68 6.23 -15.19
C VAL B 235 -27.26 5.70 -14.96
N CYS B 236 -27.07 4.39 -14.92
CA CYS B 236 -25.78 3.86 -14.45
C CYS B 236 -24.63 4.19 -15.38
N ARG B 237 -24.81 4.04 -16.69
CA ARG B 237 -23.71 4.29 -17.61
C ARG B 237 -23.25 5.75 -17.59
N ARG B 238 -24.17 6.70 -17.62
CA ARG B 238 -23.80 8.10 -17.57
C ARG B 238 -23.15 8.45 -16.23
N LEU B 239 -23.71 7.92 -15.15
CA LEU B 239 -23.14 8.09 -13.79
C LEU B 239 -21.66 7.66 -13.74
N VAL B 240 -21.34 6.49 -14.30
CA VAL B 240 -19.96 6.01 -14.34
C VAL B 240 -19.08 6.80 -15.31
N GLU B 241 -19.66 7.34 -16.38
CA GLU B 241 -18.93 8.21 -17.29
C GLU B 241 -18.57 9.55 -16.63
N LEU B 242 -19.43 10.04 -15.74
CA LEU B 242 -19.19 11.31 -15.05
C LEU B 242 -18.13 11.21 -13.94
N LEU B 243 -17.71 9.98 -13.57
CA LEU B 243 -16.54 9.78 -12.68
C LEU B 243 -15.24 10.36 -13.26
N MET B 244 -15.16 10.44 -14.59
CA MET B 244 -14.02 11.04 -15.30
C MET B 244 -14.20 12.53 -15.61
N HIS B 245 -15.18 13.17 -14.99
CA HIS B 245 -15.40 14.58 -15.22
C HIS B 245 -14.23 15.40 -14.65
N ASN B 246 -14.02 16.58 -15.23
CA ASN B 246 -13.00 17.55 -14.82
C ASN B 246 -13.25 18.27 -13.49
N ASP B 247 -14.52 18.39 -13.11
CA ASP B 247 -14.94 19.19 -11.95
C ASP B 247 -15.34 18.29 -10.78
N TYR B 248 -14.70 18.49 -9.62
CA TYR B 248 -15.02 17.74 -8.42
C TYR B 248 -16.47 17.91 -7.99
N LYS B 249 -17.10 19.03 -8.35
CA LYS B 249 -18.52 19.24 -8.07
C LYS B 249 -19.42 18.17 -8.69
N VAL B 250 -18.97 17.60 -9.81
CA VAL B 250 -19.71 16.54 -10.48
C VAL B 250 -19.24 15.18 -10.01
N VAL B 251 -17.92 15.00 -9.90
CA VAL B 251 -17.32 13.73 -9.49
C VAL B 251 -17.81 13.27 -8.11
N SER B 252 -17.85 14.18 -7.13
CA SER B 252 -18.24 13.79 -5.76
C SER B 252 -19.64 13.18 -5.70
N PRO B 253 -20.67 13.89 -6.19
CA PRO B 253 -21.97 13.27 -6.17
C PRO B 253 -22.11 12.07 -7.08
N ALA B 254 -21.49 12.08 -8.25
CA ALA B 254 -21.57 10.91 -9.16
C ALA B 254 -20.99 9.66 -8.51
N LEU B 255 -19.86 9.83 -7.80
CA LEU B 255 -19.19 8.74 -7.09
C LEU B 255 -20.04 8.24 -5.91
N ARG B 256 -20.78 9.14 -5.26
CA ARG B 256 -21.74 8.77 -4.23
C ARG B 256 -22.86 7.86 -4.76
N ALA B 257 -23.43 8.23 -5.89
CA ALA B 257 -24.47 7.44 -6.49
C ALA B 257 -23.95 6.05 -6.83
N VAL B 258 -22.85 6.01 -7.55
CA VAL B 258 -22.21 4.76 -7.97
C VAL B 258 -21.92 3.87 -6.77
N GLY B 259 -21.35 4.45 -5.74
CA GLY B 259 -21.05 3.72 -4.53
C GLY B 259 -22.27 3.19 -3.82
N ASN B 260 -23.39 3.89 -3.95
CA ASN B 260 -24.62 3.48 -3.28
C ASN B 260 -25.27 2.33 -4.05
N ILE B 261 -25.16 2.36 -5.36
CA ILE B 261 -25.68 1.32 -6.22
C ILE B 261 -24.96 -0.01 -5.93
N VAL B 262 -23.65 0.04 -5.74
CA VAL B 262 -22.87 -1.17 -5.44
C VAL B 262 -22.97 -1.67 -4.00
N THR B 263 -23.77 -1.03 -3.14
CA THR B 263 -24.26 -1.67 -1.93
C THR B 263 -25.44 -2.64 -2.26
N GLY B 264 -25.89 -2.65 -3.52
CA GLY B 264 -26.91 -3.57 -3.98
C GLY B 264 -26.43 -4.99 -3.98
N ASP B 265 -27.28 -5.92 -4.40
CA ASP B 265 -26.87 -7.33 -4.53
C ASP B 265 -25.90 -7.49 -5.68
N ASP B 266 -25.51 -8.73 -5.97
CA ASP B 266 -24.45 -8.99 -6.95
C ASP B 266 -24.81 -8.58 -8.38
N ILE B 267 -26.08 -8.65 -8.71
CA ILE B 267 -26.58 -8.28 -10.03
C ILE B 267 -26.61 -6.79 -10.17
N GLN B 268 -27.09 -6.10 -9.14
CA GLN B 268 -27.09 -4.67 -9.15
C GLN B 268 -25.66 -4.15 -9.26
N THR B 269 -24.73 -4.78 -8.52
CA THR B 269 -23.33 -4.31 -8.59
C THR B 269 -22.67 -4.72 -9.95
N GLN B 270 -23.12 -5.80 -10.58
CA GLN B 270 -22.62 -6.13 -11.92
C GLN B 270 -22.96 -5.05 -12.96
N VAL B 271 -24.10 -4.37 -12.79
CA VAL B 271 -24.54 -3.31 -13.70
C VAL B 271 -23.52 -2.19 -13.76
N ILE B 272 -23.00 -1.84 -12.60
CA ILE B 272 -21.94 -0.84 -12.49
C ILE B 272 -20.62 -1.32 -13.09
N LEU B 273 -20.23 -2.57 -12.81
CA LEU B 273 -18.99 -3.16 -13.33
C LEU B 273 -18.99 -3.27 -14.87
N ASN B 274 -20.19 -3.44 -15.42
CA ASN B 274 -20.41 -3.54 -16.86
C ASN B 274 -20.20 -2.21 -17.58
N CYS B 275 -20.23 -1.10 -16.85
CA CYS B 275 -20.00 0.20 -17.41
C CYS B 275 -18.53 0.59 -17.34
N SER B 276 -17.67 -0.38 -17.02
CA SER B 276 -16.25 -0.16 -16.85
C SER B 276 -15.91 0.86 -15.75
N ALA B 277 -16.53 0.73 -14.59
CA ALA B 277 -16.26 1.59 -13.44
C ALA B 277 -14.85 1.45 -12.89
N LEU B 278 -14.32 0.23 -12.88
CA LEU B 278 -13.08 -0.06 -12.13
C LEU B 278 -11.84 0.76 -12.55
N GLN B 279 -11.69 1.02 -13.84
CA GLN B 279 -10.62 1.86 -14.37
C GLN B 279 -10.71 3.29 -13.86
N SER B 280 -11.91 3.85 -13.82
CA SER B 280 -12.09 5.21 -13.32
C SER B 280 -11.92 5.26 -11.82
N LEU B 281 -12.39 4.23 -11.12
CA LEU B 281 -12.15 4.13 -9.68
C LEU B 281 -10.68 4.04 -9.33
N LEU B 282 -9.90 3.29 -10.12
CA LEU B 282 -8.45 3.23 -9.89
C LEU B 282 -7.85 4.62 -10.05
N HIS B 283 -8.31 5.35 -11.06
CA HIS B 283 -7.85 6.71 -11.34
C HIS B 283 -8.17 7.61 -10.15
N LEU B 284 -9.37 7.52 -9.60
CA LEU B 284 -9.76 8.36 -8.46
C LEU B 284 -9.03 8.02 -7.14
N LEU B 285 -8.38 6.85 -7.06
CA LEU B 285 -7.56 6.52 -5.88
C LEU B 285 -6.29 7.38 -5.81
N SER B 286 -5.90 7.99 -6.93
CA SER B 286 -4.78 8.95 -6.99
C SER B 286 -5.21 10.39 -6.77
N SER B 287 -6.49 10.64 -6.52
CA SER B 287 -6.98 12.00 -6.45
C SER B 287 -6.30 12.75 -5.32
N PRO B 288 -5.89 14.02 -5.57
CA PRO B 288 -5.37 14.87 -4.50
C PRO B 288 -6.46 15.36 -3.56
N LYS B 289 -7.72 15.29 -3.98
CA LYS B 289 -8.84 15.55 -3.08
C LYS B 289 -9.07 14.29 -2.24
N GLU B 290 -8.85 14.43 -0.94
CA GLU B 290 -8.78 13.31 0.00
C GLU B 290 -10.14 12.62 0.11
N SER B 291 -11.21 13.41 0.03
CA SER B 291 -12.55 12.88 0.20
C SER B 291 -12.95 12.01 -1.00
N ILE B 292 -12.41 12.31 -2.18
CA ILE B 292 -12.66 11.48 -3.36
C ILE B 292 -11.91 10.14 -3.31
N LYS B 293 -10.68 10.17 -2.83
CA LYS B 293 -9.88 8.95 -2.59
C LYS B 293 -10.64 7.95 -1.68
N LYS B 294 -11.16 8.47 -0.58
CA LYS B 294 -11.90 7.68 0.40
C LYS B 294 -13.19 7.10 -0.16
N GLU B 295 -13.96 7.91 -0.90
CA GLU B 295 -15.19 7.48 -1.54
C GLU B 295 -14.92 6.43 -2.60
N ALA B 296 -13.81 6.57 -3.32
CA ALA B 296 -13.36 5.52 -4.23
C ALA B 296 -13.04 4.24 -3.43
N CYS B 297 -12.33 4.36 -2.31
CA CYS B 297 -12.02 3.19 -1.48
C CYS B 297 -13.29 2.51 -0.97
N TRP B 298 -14.23 3.32 -0.51
CA TRP B 298 -15.56 2.85 -0.05
C TRP B 298 -16.38 2.13 -1.15
N THR B 299 -16.38 2.70 -2.34
CA THR B 299 -17.04 2.11 -3.50
C THR B 299 -16.44 0.76 -3.83
N ILE B 300 -15.11 0.68 -3.94
CA ILE B 300 -14.41 -0.60 -4.20
C ILE B 300 -14.67 -1.69 -3.12
N SER B 301 -14.75 -1.28 -1.86
CA SER B 301 -15.03 -2.20 -0.78
C SER B 301 -16.40 -2.86 -0.85
N ASN B 302 -17.36 -2.18 -1.47
CA ASN B 302 -18.70 -2.71 -1.64
C ASN B 302 -18.73 -3.64 -2.84
N ILE B 303 -17.82 -3.45 -3.80
CA ILE B 303 -17.65 -4.39 -4.93
C ILE B 303 -16.89 -5.66 -4.46
N THR B 304 -15.85 -5.50 -3.66
CA THR B 304 -15.14 -6.66 -3.15
C THR B 304 -15.93 -7.44 -2.12
N ALA B 305 -17.04 -6.87 -1.63
CA ALA B 305 -18.03 -7.60 -0.85
C ALA B 305 -18.93 -8.53 -1.68
N GLY B 306 -18.71 -8.58 -2.99
CA GLY B 306 -19.51 -9.40 -3.93
C GLY B 306 -18.91 -10.76 -4.22
N ASN B 307 -19.18 -11.33 -5.39
CA ASN B 307 -18.80 -12.72 -5.66
C ASN B 307 -17.41 -12.83 -6.20
N ARG B 308 -16.95 -14.06 -6.43
CA ARG B 308 -15.58 -14.31 -6.85
C ARG B 308 -15.15 -13.72 -8.16
N ALA B 309 -16.06 -13.70 -9.13
CA ALA B 309 -15.77 -13.11 -10.43
C ALA B 309 -15.61 -11.61 -10.27
N GLN B 310 -16.40 -11.03 -9.36
CA GLN B 310 -16.32 -9.58 -9.07
C GLN B 310 -15.05 -9.20 -8.32
N ILE B 311 -14.62 -10.01 -7.35
CA ILE B 311 -13.29 -9.81 -6.72
C ILE B 311 -12.18 -9.90 -7.79
N GLN B 312 -12.30 -10.84 -8.72
CA GLN B 312 -11.33 -10.98 -9.81
C GLN B 312 -11.26 -9.79 -10.77
N THR B 313 -12.37 -9.08 -10.97
CA THR B 313 -12.38 -7.88 -11.81
C THR B 313 -11.56 -6.77 -11.17
N VAL B 314 -11.60 -6.69 -9.85
CA VAL B 314 -10.83 -5.69 -9.11
C VAL B 314 -9.34 -6.06 -9.19
N ILE B 315 -9.05 -7.37 -9.08
CA ILE B 315 -7.67 -7.88 -9.20
C ILE B 315 -7.16 -7.52 -10.57
N ASP B 316 -7.90 -7.91 -11.62
CA ASP B 316 -7.53 -7.64 -13.02
C ASP B 316 -7.42 -6.16 -13.38
N ALA B 317 -8.04 -5.29 -12.59
CA ALA B 317 -8.01 -3.85 -12.84
C ALA B 317 -6.80 -3.19 -12.18
N ASN B 318 -5.95 -3.99 -11.52
CA ASN B 318 -4.74 -3.52 -10.82
C ASN B 318 -5.05 -2.55 -9.67
N ILE B 319 -6.13 -2.81 -8.96
CA ILE B 319 -6.59 -1.92 -7.91
C ILE B 319 -5.90 -2.20 -6.57
N PHE B 320 -5.59 -3.46 -6.30
CA PHE B 320 -5.11 -3.85 -4.96
C PHE B 320 -3.77 -3.24 -4.53
N PRO B 321 -2.77 -3.12 -5.46
CA PRO B 321 -1.55 -2.41 -5.08
C PRO B 321 -1.83 -1.01 -4.55
N ALA B 322 -2.76 -0.30 -5.19
CA ALA B 322 -3.20 1.03 -4.75
C ALA B 322 -3.84 1.01 -3.35
N LEU B 323 -4.73 0.06 -3.10
CA LEU B 323 -5.37 -0.03 -1.77
C LEU B 323 -4.42 -0.32 -0.63
N ILE B 324 -3.44 -1.20 -0.87
CA ILE B 324 -2.46 -1.58 0.14
C ILE B 324 -1.54 -0.40 0.43
N SER B 325 -1.24 0.38 -0.60
CA SER B 325 -0.51 1.62 -0.44
C SER B 325 -1.30 2.58 0.47
N ILE B 326 -2.56 2.87 0.10
CA ILE B 326 -3.45 3.69 0.93
C ILE B 326 -3.55 3.19 2.39
N LEU B 327 -3.73 1.88 2.54
CA LEU B 327 -3.97 1.27 3.85
C LEU B 327 -2.78 1.41 4.83
N GLN B 328 -1.60 1.76 4.33
CA GLN B 328 -0.47 2.04 5.22
C GLN B 328 0.03 3.50 5.22
N THR B 329 -0.38 4.31 4.23
CA THR B 329 0.13 5.69 4.12
C THR B 329 -0.93 6.80 4.25
N ALA B 330 -2.20 6.51 3.97
CA ALA B 330 -3.25 7.54 3.97
C ALA B 330 -3.71 7.91 5.38
N GLU B 331 -4.54 8.95 5.46
CA GLU B 331 -5.11 9.38 6.74
C GLU B 331 -6.23 8.45 7.17
N PHE B 332 -6.53 8.46 8.47
CA PHE B 332 -7.23 7.35 9.11
C PHE B 332 -8.61 6.97 8.54
N ARG B 333 -9.40 7.94 8.11
CA ARG B 333 -10.72 7.64 7.56
C ARG B 333 -10.64 7.01 6.19
N THR B 334 -9.63 7.39 5.42
CA THR B 334 -9.38 6.73 4.15
C THR B 334 -8.87 5.32 4.38
N ARG B 335 -8.00 5.16 5.39
CA ARG B 335 -7.46 3.85 5.76
C ARG B 335 -8.54 2.87 6.12
N LYS B 336 -9.52 3.31 6.90
CA LYS B 336 -10.61 2.43 7.33
C LYS B 336 -11.38 1.84 6.15
N GLU B 337 -11.53 2.62 5.08
CA GLU B 337 -12.27 2.21 3.89
C GLU B 337 -11.48 1.22 3.03
N ALA B 338 -10.18 1.46 2.88
CA ALA B 338 -9.27 0.50 2.26
C ALA B 338 -9.22 -0.83 3.01
N ALA B 339 -9.31 -0.76 4.33
CA ALA B 339 -9.29 -1.96 5.19
C ALA B 339 -10.51 -2.83 4.91
N TRP B 340 -11.67 -2.19 4.77
CA TRP B 340 -12.90 -2.89 4.41
C TRP B 340 -12.77 -3.52 3.04
N ALA B 341 -12.12 -2.83 2.11
CA ALA B 341 -11.92 -3.37 0.75
C ALA B 341 -11.12 -4.65 0.74
N ILE B 342 -10.00 -4.67 1.44
CA ILE B 342 -9.14 -5.85 1.53
C ILE B 342 -9.82 -7.02 2.27
N THR B 343 -10.49 -6.73 3.36
CA THR B 343 -11.09 -7.75 4.19
C THR B 343 -12.27 -8.45 3.49
N ASN B 344 -13.05 -7.68 2.72
CA ASN B 344 -14.18 -8.22 2.01
C ASN B 344 -13.68 -9.12 0.88
N ALA B 345 -12.58 -8.74 0.24
CA ALA B 345 -11.94 -9.60 -0.76
C ALA B 345 -11.45 -10.93 -0.13
N THR B 346 -10.88 -10.86 1.07
CA THR B 346 -10.36 -12.07 1.75
C THR B 346 -11.52 -12.96 2.21
N SER B 347 -12.67 -12.35 2.43
CA SER B 347 -13.88 -13.08 2.80
C SER B 347 -14.59 -13.80 1.68
N GLY B 348 -14.62 -13.20 0.51
CA GLY B 348 -15.25 -13.85 -0.65
C GLY B 348 -14.28 -14.56 -1.56
N GLY B 349 -12.99 -14.38 -1.31
CA GLY B 349 -11.93 -14.82 -2.21
C GLY B 349 -11.51 -16.28 -2.17
N SER B 350 -10.99 -16.74 -3.32
CA SER B 350 -10.37 -18.05 -3.47
C SER B 350 -8.99 -18.10 -2.86
N ALA B 351 -8.48 -19.30 -2.59
CA ALA B 351 -7.14 -19.45 -2.03
C ALA B 351 -6.14 -18.71 -2.89
N GLU B 352 -6.25 -18.92 -4.20
CA GLU B 352 -5.36 -18.27 -5.17
C GLU B 352 -5.49 -16.73 -5.17
N GLN B 353 -6.69 -16.20 -4.91
CA GLN B 353 -6.91 -14.77 -4.86
C GLN B 353 -6.30 -14.20 -3.60
N ILE B 354 -6.50 -14.88 -2.47
CA ILE B 354 -5.84 -14.48 -1.18
C ILE B 354 -4.31 -14.51 -1.27
N LYS B 355 -3.77 -15.56 -1.88
CA LYS B 355 -2.32 -15.67 -2.12
C LYS B 355 -1.72 -14.44 -2.81
N TYR B 356 -2.40 -13.91 -3.83
CA TYR B 356 -1.91 -12.75 -4.58
C TYR B 356 -1.94 -11.52 -3.72
N LEU B 357 -3.01 -11.37 -2.95
CA LEU B 357 -3.07 -10.25 -1.96
C LEU B 357 -1.97 -10.31 -0.94
N VAL B 358 -1.67 -11.51 -0.47
CA VAL B 358 -0.58 -11.68 0.51
C VAL B 358 0.77 -11.36 -0.11
N GLU B 359 0.98 -11.86 -1.34
CA GLU B 359 2.14 -11.50 -2.16
C GLU B 359 2.32 -9.99 -2.42
N LEU B 360 1.21 -9.24 -2.47
CA LEU B 360 1.31 -7.76 -2.59
C LEU B 360 1.55 -7.08 -1.27
N GLY B 361 1.50 -7.83 -0.18
CA GLY B 361 1.90 -7.30 1.14
C GLY B 361 0.76 -6.89 2.05
N CYS B 362 -0.41 -7.53 1.91
CA CYS B 362 -1.56 -7.09 2.71
C CYS B 362 -1.53 -7.53 4.17
N ILE B 363 -0.72 -8.51 4.56
CA ILE B 363 -0.78 -8.97 5.98
C ILE B 363 -0.28 -7.87 6.94
N LYS B 364 0.90 -7.33 6.66
CA LYS B 364 1.48 -6.27 7.50
C LYS B 364 0.49 -5.13 7.85
N PRO B 365 0.02 -4.30 6.90
CA PRO B 365 -0.93 -3.24 7.27
C PRO B 365 -2.21 -3.69 8.00
N LEU B 366 -2.73 -4.89 7.72
CA LEU B 366 -3.83 -5.42 8.55
C LEU B 366 -3.40 -5.64 10.01
N CYS B 367 -2.18 -6.14 10.22
CA CYS B 367 -1.68 -6.38 11.57
C CYS B 367 -1.46 -5.03 12.25
N ASP B 368 -0.93 -4.06 11.51
CA ASP B 368 -0.79 -2.71 12.09
C ASP B 368 -2.13 -2.14 12.55
N LEU B 369 -3.25 -2.57 11.95
CA LEU B 369 -4.56 -1.98 12.33
C LEU B 369 -5.06 -2.50 13.67
N LEU B 370 -4.51 -3.64 14.11
CA LEU B 370 -4.88 -4.27 15.39
C LEU B 370 -4.48 -3.47 16.62
N THR B 371 -3.61 -2.49 16.45
CA THR B 371 -3.07 -1.69 17.54
C THR B 371 -3.76 -0.34 17.66
N VAL B 372 -4.59 0.01 16.67
CA VAL B 372 -5.19 1.34 16.60
C VAL B 372 -6.41 1.39 17.50
N MET B 373 -6.58 2.53 18.16
CA MET B 373 -7.64 2.69 19.14
C MET B 373 -8.95 3.09 18.46
N ASP B 374 -9.53 2.14 17.72
CA ASP B 374 -10.87 2.23 17.15
C ASP B 374 -11.37 0.78 16.98
N SER B 375 -12.33 0.36 17.80
CA SER B 375 -12.78 -1.03 17.82
C SER B 375 -13.27 -1.53 16.47
N LYS B 376 -13.88 -0.65 15.68
CA LYS B 376 -14.48 -1.04 14.41
C LYS B 376 -13.43 -1.44 13.38
N ILE B 377 -12.35 -0.67 13.30
CA ILE B 377 -11.29 -0.98 12.34
C ILE B 377 -10.56 -2.24 12.79
N VAL B 378 -10.40 -2.42 14.11
CA VAL B 378 -9.82 -3.65 14.66
C VAL B 378 -10.64 -4.89 14.29
N GLN B 379 -11.97 -4.81 14.35
CA GLN B 379 -12.83 -5.95 14.02
C GLN B 379 -12.69 -6.35 12.55
N VAL B 380 -12.51 -5.35 11.69
CA VAL B 380 -12.38 -5.52 10.26
C VAL B 380 -11.04 -6.17 9.93
N ALA B 381 -9.97 -5.69 10.56
CA ALA B 381 -8.64 -6.31 10.38
C ALA B 381 -8.56 -7.77 10.88
N LEU B 382 -9.10 -8.04 12.08
CA LEU B 382 -9.16 -9.41 12.57
C LEU B 382 -9.89 -10.32 11.61
N ASN B 383 -11.00 -9.85 11.09
CA ASN B 383 -11.77 -10.65 10.11
C ASN B 383 -10.95 -10.95 8.86
N GLY B 384 -10.12 -10.02 8.42
CA GLY B 384 -9.26 -10.29 7.25
C GLY B 384 -8.21 -11.34 7.47
N LEU B 385 -7.48 -11.17 8.56
CA LEU B 385 -6.49 -12.14 9.04
C LEU B 385 -7.08 -13.53 9.28
N GLU B 386 -8.28 -13.58 9.86
CA GLU B 386 -9.01 -14.86 10.04
C GLU B 386 -9.28 -15.56 8.74
N ASN B 387 -9.74 -14.82 7.73
CA ASN B 387 -10.01 -15.40 6.41
C ASN B 387 -8.76 -15.89 5.71
N ILE B 388 -7.71 -15.08 5.79
CA ILE B 388 -6.39 -15.41 5.30
C ILE B 388 -5.87 -16.68 5.96
N LEU B 389 -5.85 -16.71 7.29
CA LEU B 389 -5.42 -17.94 7.99
C LEU B 389 -6.25 -19.15 7.67
N ARG B 390 -7.56 -19.00 7.56
CA ARG B 390 -8.42 -20.14 7.16
C ARG B 390 -7.95 -20.72 5.84
N LEU B 391 -7.67 -19.87 4.85
CA LEU B 391 -7.21 -20.32 3.54
C LEU B 391 -5.80 -20.94 3.61
N GLY B 392 -4.99 -20.49 4.57
CA GLY B 392 -3.69 -21.11 4.84
C GLY B 392 -3.76 -22.51 5.42
N GLU B 393 -4.78 -22.78 6.23
CA GLU B 393 -4.97 -24.13 6.80
C GLU B 393 -5.34 -25.11 5.72
N GLN B 394 -6.06 -24.64 4.73
CA GLN B 394 -6.38 -25.49 3.59
C GLN B 394 -5.07 -26.07 3.04
N GLU B 395 -4.16 -25.17 2.66
CA GLU B 395 -2.81 -25.53 2.17
C GLU B 395 -1.97 -26.44 3.12
N ALA B 396 -2.00 -26.15 4.42
CA ALA B 396 -1.24 -26.92 5.42
C ALA B 396 -1.51 -28.44 5.39
N LYS B 397 -2.79 -28.82 5.31
CA LYS B 397 -3.19 -30.22 5.27
C LYS B 397 -3.04 -30.79 3.86
N ARG B 398 -3.35 -29.95 2.88
CA ARG B 398 -3.23 -30.28 1.45
C ARG B 398 -1.84 -30.83 1.09
N ASN B 399 -0.78 -30.04 1.29
CA ASN B 399 0.61 -30.52 1.00
C ASN B 399 1.26 -31.28 2.17
N GLY B 400 0.46 -31.62 3.18
CA GLY B 400 0.86 -32.59 4.21
C GLY B 400 1.93 -32.14 5.18
N THR B 401 2.48 -30.94 4.98
CA THR B 401 3.55 -30.41 5.84
C THR B 401 2.97 -30.07 7.21
N GLY B 402 1.72 -29.61 7.22
CA GLY B 402 1.04 -29.23 8.46
C GLY B 402 1.36 -27.82 8.82
N ILE B 403 1.97 -27.08 7.87
CA ILE B 403 2.39 -25.70 8.12
C ILE B 403 1.55 -24.75 7.28
N ASN B 404 0.85 -23.88 7.98
CA ASN B 404 0.09 -22.82 7.39
C ASN B 404 1.05 -21.70 7.00
N PRO B 405 1.16 -21.39 5.70
CA PRO B 405 2.17 -20.36 5.33
C PRO B 405 1.92 -18.99 5.97
N TYR B 406 0.68 -18.71 6.32
CA TYR B 406 0.38 -17.37 6.82
C TYR B 406 0.70 -17.14 8.29
N CYS B 407 0.98 -18.21 9.04
CA CYS B 407 1.40 -18.06 10.43
C CYS B 407 2.72 -17.31 10.58
N ALA B 408 3.77 -17.72 9.87
CA ALA B 408 5.09 -17.03 9.98
C ALA B 408 5.02 -15.57 9.57
N LEU B 409 4.25 -15.29 8.52
CA LEU B 409 3.99 -13.92 8.04
C LEU B 409 3.26 -13.05 9.05
N ILE B 410 2.22 -13.60 9.66
CA ILE B 410 1.54 -12.88 10.74
C ILE B 410 2.45 -12.64 11.94
N GLU B 411 3.23 -13.64 12.33
CA GLU B 411 4.29 -13.47 13.34
C GLU B 411 5.31 -12.38 13.00
N GLU B 412 5.82 -12.38 11.78
CA GLU B 412 6.73 -11.32 11.34
C GLU B 412 6.08 -9.95 11.38
N ALA B 413 4.80 -9.89 11.00
CA ALA B 413 4.10 -8.62 10.88
C ALA B 413 3.73 -8.02 12.23
N TYR B 414 3.28 -8.88 13.15
CA TYR B 414 2.60 -8.44 14.37
C TYR B 414 3.50 -8.54 15.61
N GLY B 415 4.40 -9.53 15.63
CA GLY B 415 5.41 -9.66 16.67
C GLY B 415 5.14 -10.84 17.58
N LEU B 416 6.22 -11.50 18.02
CA LEU B 416 6.13 -12.64 18.94
C LEU B 416 5.52 -12.29 20.29
N ASP B 417 5.88 -11.12 20.82
CA ASP B 417 5.40 -10.70 22.14
C ASP B 417 3.87 -10.57 22.16
N LYS B 418 3.28 -10.13 21.05
CA LYS B 418 1.83 -10.03 20.96
C LYS B 418 1.17 -11.37 20.68
N ILE B 419 1.77 -12.21 19.84
CA ILE B 419 1.24 -13.54 19.57
C ILE B 419 1.27 -14.43 20.82
N GLU B 420 2.36 -14.38 21.59
CA GLU B 420 2.52 -15.19 22.78
C GLU B 420 1.53 -14.77 23.85
N PHE B 421 1.30 -13.47 23.98
CA PHE B 421 0.25 -12.96 24.87
C PHE B 421 -1.12 -13.58 24.53
N LEU B 422 -1.44 -13.65 23.24
CA LEU B 422 -2.73 -14.16 22.76
C LEU B 422 -2.83 -15.67 22.75
N GLN B 423 -1.68 -16.36 22.81
CA GLN B 423 -1.63 -17.82 22.91
C GLN B 423 -1.99 -18.36 24.32
N SER B 424 -1.83 -17.52 25.34
CA SER B 424 -2.17 -17.89 26.70
C SER B 424 -3.67 -17.88 26.97
N HIS B 425 -4.21 -19.06 27.28
CA HIS B 425 -5.61 -19.21 27.63
C HIS B 425 -5.89 -18.61 29.00
N GLU B 426 -4.88 -18.57 29.86
CA GLU B 426 -4.97 -17.87 31.14
C GLU B 426 -5.27 -16.40 30.94
N ASN B 427 -4.53 -15.75 30.04
CA ASN B 427 -4.80 -14.36 29.67
C ASN B 427 -6.21 -14.22 29.12
N GLN B 428 -6.64 -15.15 28.27
CA GLN B 428 -8.00 -15.11 27.73
C GLN B 428 -9.04 -15.17 28.84
N GLU B 429 -8.82 -16.05 29.81
CA GLU B 429 -9.73 -16.21 30.95
C GLU B 429 -9.85 -14.95 31.81
N ILE B 430 -8.73 -14.32 32.11
CA ILE B 430 -8.67 -13.09 32.88
C ILE B 430 -9.43 -11.93 32.22
N TYR B 431 -9.22 -11.75 30.92
CA TYR B 431 -9.89 -10.67 30.16
C TYR B 431 -11.40 -10.86 30.11
N GLN B 432 -11.82 -12.07 29.75
CA GLN B 432 -13.23 -12.41 29.76
C GLN B 432 -13.89 -12.11 31.11
N LYS B 433 -13.21 -12.45 32.20
CA LYS B 433 -13.73 -12.24 33.55
C LYS B 433 -13.85 -10.75 33.83
N ALA B 434 -12.80 -10.00 33.48
CA ALA B 434 -12.74 -8.57 33.70
C ALA B 434 -13.87 -7.84 32.96
N PHE B 435 -14.07 -8.20 31.70
CA PHE B 435 -15.11 -7.61 30.86
C PHE B 435 -16.50 -7.90 31.42
N ASP B 436 -16.75 -9.18 31.75
CA ASP B 436 -18.06 -9.57 32.30
C ASP B 436 -18.32 -8.91 33.64
N LEU B 437 -17.28 -8.76 34.44
CA LEU B 437 -17.45 -8.25 35.79
C LEU B 437 -17.87 -6.80 35.72
N ILE B 438 -17.09 -6.00 35.00
CA ILE B 438 -17.37 -4.56 34.88
C ILE B 438 -18.67 -4.26 34.11
N GLU B 439 -18.95 -4.96 33.02
CA GLU B 439 -20.18 -4.69 32.28
C GLU B 439 -21.43 -5.08 33.06
N HIS B 440 -21.33 -6.02 33.99
CA HIS B 440 -22.44 -6.39 34.86
C HIS B 440 -22.70 -5.35 35.96
N TYR B 441 -21.64 -4.85 36.58
CA TYR B 441 -21.80 -3.95 37.72
C TYR B 441 -21.77 -2.49 37.37
N PHE B 442 -21.03 -2.11 36.32
CA PHE B 442 -20.91 -0.72 35.90
C PHE B 442 -21.81 -0.38 34.70
N GLY B 443 -22.18 -1.39 33.91
CA GLY B 443 -23.00 -1.20 32.72
C GLY B 443 -22.18 -1.12 31.46
N THR B 444 -22.73 -1.59 30.34
CA THR B 444 -22.06 -1.55 29.04
C THR B 444 -22.20 -0.16 28.44
N GLU B 445 -21.08 0.44 28.01
CA GLU B 445 -21.13 1.82 27.53
C GLU B 445 -21.42 1.87 26.04
N ASP B 446 -22.37 2.76 25.72
CA ASP B 446 -23.11 2.89 24.44
C ASP B 446 -22.33 2.73 23.13
N GLU B 447 -21.04 3.05 23.13
CA GLU B 447 -20.13 2.82 21.97
C GLU B 447 -19.91 4.09 21.14
N SER C 12 -22.99 -20.79 5.20
CA SER C 12 -23.95 -20.62 4.07
C SER C 12 -23.46 -19.56 3.08
N ALA C 13 -24.06 -19.58 1.89
CA ALA C 13 -23.77 -18.60 0.84
C ALA C 13 -24.32 -17.20 1.15
N VAL C 14 -25.20 -17.12 2.16
CA VAL C 14 -25.82 -15.87 2.60
C VAL C 14 -24.93 -15.13 3.61
N LEU C 15 -24.33 -15.89 4.54
CA LEU C 15 -23.46 -15.34 5.59
C LEU C 15 -22.17 -14.71 5.06
N ARG C 16 -21.75 -15.14 3.88
CA ARG C 16 -20.67 -14.49 3.12
C ARG C 16 -20.83 -12.98 3.11
N GLY C 17 -22.06 -12.47 3.07
CA GLY C 17 -22.32 -11.06 2.99
C GLY C 17 -22.31 -10.31 4.30
N PHE C 18 -22.01 -11.00 5.39
CA PHE C 18 -22.08 -10.42 6.74
C PHE C 18 -20.76 -10.59 7.48
N LEU C 19 -20.41 -9.57 8.26
CA LEU C 19 -19.29 -9.66 9.16
C LEU C 19 -19.87 -10.07 10.51
N ILE C 20 -19.31 -11.14 11.07
CA ILE C 20 -19.68 -11.62 12.39
C ILE C 20 -18.86 -10.87 13.44
N LEU C 21 -19.58 -10.17 14.31
CA LEU C 21 -19.01 -9.21 15.25
C LEU C 21 -18.69 -9.85 16.59
N GLY C 22 -19.42 -10.90 16.95
CA GLY C 22 -19.16 -11.65 18.19
C GLY C 22 -20.34 -12.51 18.59
N LYS C 23 -20.48 -12.77 19.89
CA LYS C 23 -21.62 -13.54 20.41
C LYS C 23 -22.85 -12.66 20.48
N GLU C 24 -24.01 -13.28 20.73
CA GLU C 24 -25.27 -12.55 20.90
C GLU C 24 -25.10 -11.36 21.83
N ASP C 25 -25.60 -10.20 21.40
CA ASP C 25 -25.63 -9.00 22.21
C ASP C 25 -27.08 -8.55 22.31
N ARG C 26 -27.70 -8.84 23.45
CA ARG C 26 -29.15 -8.68 23.63
C ARG C 26 -29.63 -7.23 23.51
N ARG C 27 -28.71 -6.28 23.51
CA ARG C 27 -29.04 -4.88 23.22
C ARG C 27 -29.56 -4.67 21.80
N TYR C 28 -29.29 -5.62 20.90
CA TYR C 28 -29.71 -5.53 19.50
C TYR C 28 -30.96 -6.36 19.15
N GLY C 29 -31.74 -6.74 20.16
CA GLY C 29 -33.01 -7.45 19.94
C GLY C 29 -32.88 -8.96 19.84
N PRO C 30 -34.02 -9.67 19.81
CA PRO C 30 -33.97 -11.13 19.67
C PRO C 30 -33.37 -11.60 18.35
N ALA C 31 -32.93 -12.86 18.32
CA ALA C 31 -32.27 -13.43 17.16
C ALA C 31 -33.18 -13.48 15.94
N LEU C 32 -32.72 -12.87 14.84
CA LEU C 32 -33.40 -12.98 13.54
C LEU C 32 -33.17 -14.36 12.93
N SER C 33 -34.02 -14.74 11.98
CA SER C 33 -33.81 -15.96 11.21
C SER C 33 -32.80 -15.65 10.12
N ILE C 34 -32.28 -16.69 9.48
CA ILE C 34 -31.32 -16.52 8.39
C ILE C 34 -32.00 -15.98 7.11
N ASN C 35 -33.31 -16.22 6.98
CA ASN C 35 -34.08 -15.63 5.89
C ASN C 35 -34.34 -14.14 6.15
N GLU C 36 -34.58 -13.78 7.41
CA GLU C 36 -34.86 -12.39 7.80
C GLU C 36 -33.65 -11.45 7.64
N LEU C 37 -32.44 -12.02 7.55
CA LEU C 37 -31.20 -11.22 7.43
C LEU C 37 -31.14 -10.33 6.21
N SER C 38 -31.72 -10.78 5.10
CA SER C 38 -31.74 -9.97 3.89
C SER C 38 -32.42 -8.61 4.10
N ASN C 39 -33.38 -8.55 5.03
CA ASN C 39 -34.08 -7.30 5.32
C ASN C 39 -33.34 -6.36 6.28
N LEU C 40 -32.20 -6.79 6.81
CA LEU C 40 -31.44 -5.98 7.76
C LEU C 40 -30.89 -4.74 7.04
N ALA C 41 -31.16 -3.57 7.62
CA ALA C 41 -30.68 -2.31 7.07
C ALA C 41 -29.16 -2.32 6.99
N LYS C 42 -28.65 -1.90 5.84
CA LYS C 42 -27.24 -1.64 5.66
C LYS C 42 -26.79 -0.71 6.79
N GLY C 43 -25.75 -1.11 7.50
CA GLY C 43 -25.17 -0.24 8.51
C GLY C 43 -25.61 -0.49 9.95
N GLU C 44 -26.70 -1.22 10.17
CA GLU C 44 -27.03 -1.64 11.55
C GLU C 44 -26.59 -3.10 11.89
N LYS C 45 -26.72 -3.45 13.16
CA LYS C 45 -26.29 -4.75 13.65
C LYS C 45 -27.49 -5.51 14.15
N ALA C 46 -27.46 -6.83 13.99
CA ALA C 46 -28.53 -7.69 14.46
C ALA C 46 -28.04 -9.08 14.85
N ASN C 47 -28.77 -9.70 15.78
CA ASN C 47 -28.50 -11.08 16.17
C ASN C 47 -29.16 -12.04 15.20
N VAL C 48 -28.46 -13.15 14.90
CA VAL C 48 -28.95 -14.19 13.99
C VAL C 48 -28.76 -15.58 14.59
N LEU C 49 -29.79 -16.41 14.49
CA LEU C 49 -29.67 -17.83 14.85
C LEU C 49 -29.03 -18.58 13.68
N ILE C 50 -27.73 -18.86 13.82
CA ILE C 50 -26.99 -19.64 12.81
C ILE C 50 -27.30 -21.14 12.92
N GLY C 51 -27.83 -21.53 14.07
CA GLY C 51 -28.26 -22.90 14.28
C GLY C 51 -28.38 -23.18 15.76
N GLN C 52 -28.68 -24.43 16.10
CA GLN C 52 -28.69 -24.91 17.48
C GLN C 52 -29.04 -23.80 18.50
N GLY C 53 -28.11 -23.47 19.39
CA GLY C 53 -28.23 -22.29 20.27
C GLY C 53 -27.08 -21.37 19.95
N ASP C 54 -26.69 -21.36 18.67
CA ASP C 54 -25.56 -20.58 18.18
C ASP C 54 -26.11 -19.30 17.58
N VAL C 55 -26.26 -18.29 18.42
CA VAL C 55 -26.70 -16.96 18.00
C VAL C 55 -25.50 -16.03 18.00
N VAL C 56 -25.23 -15.41 16.86
CA VAL C 56 -24.12 -14.47 16.68
C VAL C 56 -24.65 -13.10 16.27
N LEU C 57 -23.85 -12.06 16.54
CA LEU C 57 -24.16 -10.70 16.13
C LEU C 57 -23.44 -10.39 14.82
N VAL C 58 -24.17 -9.80 13.87
CA VAL C 58 -23.62 -9.52 12.56
C VAL C 58 -24.02 -8.14 12.05
N MET C 59 -23.29 -7.68 11.05
CA MET C 59 -23.73 -6.59 10.20
C MET C 59 -23.42 -6.96 8.75
N LYS C 60 -24.09 -6.31 7.81
CA LYS C 60 -23.80 -6.41 6.38
C LYS C 60 -22.44 -5.82 6.00
N ARG C 61 -21.76 -6.51 5.07
CA ARG C 61 -20.50 -6.05 4.50
C ARG C 61 -20.69 -4.89 3.55
N LYS C 62 -21.86 -4.81 2.92
CA LYS C 62 -22.15 -3.70 2.01
C LYS C 62 -22.70 -2.54 2.84
N ARG C 63 -22.02 -1.40 2.79
CA ARG C 63 -22.30 -0.25 3.65
C ARG C 63 -22.61 0.99 2.83
N ASP C 64 -23.58 1.80 3.25
CA ASP C 64 -23.85 3.05 2.49
C ASP C 64 -23.28 4.30 3.16
N SER C 65 -23.48 5.47 2.52
CA SER C 65 -23.05 6.75 3.05
C SER C 65 -23.27 6.88 4.56
N GLN C 72 -22.51 18.85 4.12
CA GLN C 72 -22.28 18.05 2.91
C GLN C 72 -22.36 18.91 1.64
N THR C 73 -23.52 19.55 1.43
CA THR C 73 -23.67 20.65 0.46
C THR C 73 -24.66 21.68 1.05
N ALA C 74 -24.74 22.86 0.44
CA ALA C 74 -25.61 23.93 0.95
C ALA C 74 -27.09 23.56 0.83
N THR C 75 -27.71 23.26 1.97
CA THR C 75 -29.12 22.88 2.06
C THR C 75 -30.08 24.04 1.74
N LYS C 76 -29.59 25.27 1.91
CA LYS C 76 -30.33 26.47 1.58
C LYS C 76 -29.42 27.45 0.86
N ARG C 77 -30.02 28.45 0.22
CA ARG C 77 -29.24 29.53 -0.40
C ARG C 77 -30.06 30.80 -0.62
N ILE C 78 -29.35 31.91 -0.85
CA ILE C 78 -29.93 33.24 -0.81
C ILE C 78 -29.70 33.93 -2.15
N ARG C 79 -30.71 34.64 -2.66
CA ARG C 79 -30.55 35.45 -3.85
C ARG C 79 -30.11 36.86 -3.45
N MET C 80 -29.24 37.46 -4.28
CA MET C 80 -28.68 38.79 -3.99
C MET C 80 -28.50 39.58 -5.27
N VAL D 10 19.82 -20.88 27.18
CA VAL D 10 20.34 -19.57 27.67
C VAL D 10 21.56 -19.13 26.86
N GLU D 11 22.75 -19.59 27.28
CA GLU D 11 24.00 -19.24 26.61
C GLU D 11 24.19 -20.01 25.30
N SER D 12 24.02 -21.33 25.37
CA SER D 12 24.21 -22.20 24.21
C SER D 12 23.07 -22.11 23.18
N ALA D 13 21.90 -21.62 23.60
CA ALA D 13 20.81 -21.31 22.66
C ALA D 13 21.18 -20.13 21.75
N VAL D 14 22.01 -19.22 22.27
CA VAL D 14 22.56 -18.12 21.47
C VAL D 14 23.79 -18.61 20.70
N LEU D 15 24.72 -19.23 21.41
CA LEU D 15 25.98 -19.69 20.81
C LEU D 15 25.78 -20.77 19.74
N ARG D 16 24.68 -21.50 19.79
CA ARG D 16 24.34 -22.40 18.70
C ARG D 16 24.58 -21.74 17.33
N GLY D 17 24.17 -20.48 17.20
CA GLY D 17 24.28 -19.77 15.93
C GLY D 17 25.58 -19.02 15.66
N PHE D 18 26.63 -19.35 16.40
CA PHE D 18 27.93 -18.65 16.30
C PHE D 18 29.06 -19.63 16.23
N LEU D 19 29.96 -19.47 15.27
CA LEU D 19 31.16 -20.30 15.18
C LEU D 19 32.26 -19.70 16.04
N ILE D 20 32.77 -20.49 16.99
CA ILE D 20 33.85 -20.03 17.87
C ILE D 20 35.17 -20.19 17.12
N LEU D 21 35.89 -19.10 16.91
CA LEU D 21 37.08 -19.09 16.07
C LEU D 21 38.35 -19.33 16.86
N GLY D 22 38.37 -18.87 18.11
CA GLY D 22 39.49 -19.10 19.01
C GLY D 22 39.35 -18.26 20.27
N LYS D 23 40.45 -18.06 20.98
CA LYS D 23 40.42 -17.31 22.23
C LYS D 23 40.44 -15.83 21.91
N GLU D 24 40.29 -14.99 22.95
CA GLU D 24 40.26 -13.55 22.78
C GLU D 24 41.36 -13.09 21.83
N ASP D 25 40.97 -12.33 20.81
CA ASP D 25 41.88 -11.66 19.88
C ASP D 25 41.69 -10.17 20.11
N ARG D 26 42.62 -9.54 20.83
CA ARG D 26 42.40 -8.16 21.30
C ARG D 26 42.14 -7.12 20.21
N ARG D 27 42.52 -7.41 18.97
CA ARG D 27 42.37 -6.46 17.88
C ARG D 27 40.97 -6.36 17.29
N TYR D 28 40.02 -7.10 17.84
CA TYR D 28 38.62 -7.00 17.47
C TYR D 28 37.78 -6.33 18.56
N GLY D 29 38.43 -5.63 19.49
CA GLY D 29 37.76 -4.80 20.49
C GLY D 29 37.53 -5.50 21.83
N PRO D 30 37.06 -4.72 22.84
CA PRO D 30 36.62 -5.28 24.13
C PRO D 30 35.51 -6.32 23.98
N ALA D 31 35.38 -7.19 24.98
CA ALA D 31 34.44 -8.31 24.92
C ALA D 31 32.99 -7.84 25.07
N LEU D 32 32.10 -8.46 24.28
CA LEU D 32 30.67 -8.25 24.36
C LEU D 32 30.05 -9.23 25.37
N SER D 33 28.84 -8.93 25.82
CA SER D 33 28.08 -9.89 26.63
C SER D 33 27.34 -10.83 25.68
N ILE D 34 26.75 -11.88 26.22
CA ILE D 34 25.95 -12.80 25.40
C ILE D 34 24.73 -12.06 24.84
N ASN D 35 24.22 -11.10 25.60
CA ASN D 35 23.06 -10.30 25.16
C ASN D 35 23.36 -9.28 24.05
N GLU D 36 24.59 -8.75 24.00
CA GLU D 36 25.01 -7.84 22.93
C GLU D 36 25.31 -8.62 21.63
N LEU D 37 25.42 -9.93 21.76
CA LEU D 37 25.92 -10.77 20.70
C LEU D 37 24.95 -10.85 19.52
N SER D 38 23.66 -10.76 19.78
CA SER D 38 22.66 -10.76 18.73
C SER D 38 22.70 -9.52 17.82
N ASN D 39 23.34 -8.44 18.28
CA ASN D 39 23.54 -7.24 17.48
C ASN D 39 24.83 -7.25 16.67
N LEU D 40 25.67 -8.27 16.81
CA LEU D 40 26.88 -8.38 16.02
C LEU D 40 26.49 -8.48 14.55
N ALA D 41 27.15 -7.70 13.71
CA ALA D 41 26.89 -7.68 12.27
C ALA D 41 27.14 -9.05 11.64
N LYS D 42 26.33 -9.45 10.68
CA LYS D 42 26.59 -10.70 9.97
C LYS D 42 27.92 -10.48 9.27
N GLY D 43 28.82 -11.45 9.35
CA GLY D 43 30.11 -11.35 8.69
C GLY D 43 31.26 -10.76 9.50
N GLU D 44 30.99 -10.10 10.63
CA GLU D 44 32.06 -9.52 11.44
C GLU D 44 32.42 -10.45 12.61
N LYS D 45 33.58 -10.23 13.20
CA LYS D 45 34.05 -11.05 14.31
C LYS D 45 34.09 -10.22 15.57
N ALA D 46 33.89 -10.85 16.71
CA ALA D 46 33.85 -10.13 17.97
C ALA D 46 34.22 -11.02 19.14
N ASN D 47 34.72 -10.41 20.21
CA ASN D 47 35.01 -11.15 21.45
C ASN D 47 33.76 -11.15 22.32
N VAL D 48 33.43 -12.31 22.90
CA VAL D 48 32.35 -12.43 23.91
C VAL D 48 32.86 -13.07 25.17
N LEU D 49 32.32 -12.64 26.31
CA LEU D 49 32.53 -13.34 27.58
C LEU D 49 31.55 -14.52 27.63
N ILE D 50 32.09 -15.73 27.60
CA ILE D 50 31.30 -16.97 27.66
C ILE D 50 31.15 -17.42 29.10
N GLY D 51 31.90 -16.79 30.00
CA GLY D 51 31.87 -17.13 31.41
C GLY D 51 33.15 -16.67 32.10
N GLN D 52 33.18 -16.84 33.42
CA GLN D 52 34.35 -16.54 34.27
C GLN D 52 35.38 -15.58 33.63
N GLY D 53 36.62 -16.04 33.41
CA GLY D 53 37.62 -15.26 32.67
C GLY D 53 37.80 -15.80 31.27
N ASP D 54 36.74 -16.37 30.71
CA ASP D 54 36.78 -17.07 29.43
C ASP D 54 36.16 -16.20 28.32
N VAL D 55 37.03 -15.51 27.58
CA VAL D 55 36.65 -14.66 26.48
C VAL D 55 37.09 -15.35 25.19
N VAL D 56 36.21 -15.33 24.19
CA VAL D 56 36.31 -16.18 22.99
C VAL D 56 35.93 -15.36 21.77
N LEU D 57 36.55 -15.61 20.62
CA LEU D 57 36.22 -14.91 19.37
C LEU D 57 35.23 -15.74 18.55
N VAL D 58 34.16 -15.08 18.11
CA VAL D 58 33.06 -15.70 17.39
C VAL D 58 32.69 -14.89 16.16
N MET D 59 31.94 -15.54 15.28
CA MET D 59 31.21 -14.86 14.20
C MET D 59 29.90 -15.61 14.05
N LYS D 60 28.89 -14.97 13.45
CA LYS D 60 27.61 -15.62 13.19
C LYS D 60 27.74 -16.66 12.10
N ARG D 61 27.01 -17.76 12.25
CA ARG D 61 26.91 -18.78 11.21
C ARG D 61 26.14 -18.34 9.97
N LYS D 62 25.19 -17.43 10.18
CA LYS D 62 24.41 -16.84 9.08
C LYS D 62 25.18 -15.70 8.44
N ARG D 63 25.44 -15.83 7.15
CA ARG D 63 26.34 -14.92 6.46
C ARG D 63 25.65 -14.24 5.29
N ASP D 64 25.77 -12.92 5.23
CA ASP D 64 25.25 -12.09 4.13
C ASP D 64 26.12 -12.25 2.88
N SER D 65 25.62 -11.73 1.75
CA SER D 65 26.40 -11.62 0.49
C SER D 65 27.39 -10.46 0.51
N THR D 73 26.84 -6.20 -11.22
CA THR D 73 26.12 -5.47 -12.26
C THR D 73 26.71 -4.08 -12.54
N ALA D 74 26.22 -3.43 -13.61
CA ALA D 74 26.71 -2.10 -14.03
C ALA D 74 26.19 -1.00 -13.11
N THR D 75 27.11 -0.25 -12.52
CA THR D 75 26.75 0.87 -11.64
C THR D 75 26.30 2.12 -12.41
N LYS D 76 26.84 2.34 -13.60
CA LYS D 76 26.45 3.46 -14.45
C LYS D 76 26.19 3.03 -15.88
N ARG D 77 25.43 3.84 -16.61
CA ARG D 77 25.10 3.54 -18.01
C ARG D 77 25.12 4.83 -18.85
N ILE D 78 25.63 4.70 -20.07
CA ILE D 78 25.71 5.83 -21.00
C ILE D 78 24.71 5.61 -22.14
N ARG D 79 24.04 6.69 -22.55
CA ARG D 79 23.11 6.60 -23.66
C ARG D 79 23.85 6.89 -24.97
N MET D 80 23.63 6.05 -25.97
CA MET D 80 24.27 6.19 -27.27
C MET D 80 23.25 6.21 -28.40
N ALA D 81 23.70 6.54 -29.61
CA ALA D 81 22.81 6.62 -30.78
C ALA D 81 22.78 5.27 -31.51
#